data_8GMN
#
_entry.id   8GMN
#
_cell.length_a   50.471
_cell.length_b   77.647
_cell.length_c   108.484
_cell.angle_alpha   86.13
_cell.angle_beta   79.09
_cell.angle_gamma   71.08
#
_symmetry.space_group_name_H-M   'P 1'
#
loop_
_entity.id
_entity.type
_entity.pdbx_description
1 polymer 'Complement C1s subcomponent'
2 non-polymer [4-(1-aminophthalazin-6-yl)piperazin-1-yl](2-methylphenyl)methanone
3 non-polymer 'SULFATE ION'
4 water water
#
_entity_poly.entity_id   1
_entity_poly.type   'polypeptide(L)'
_entity_poly.pdbx_seq_one_letter_code
;MLLVNQSHQGFNKEHTSKMVSAIVLYVLLAAAAHSAFADLDCGIPESIENGKVEDPESTLFGSVIRYTCEEPYYYMENGG
GGEYHCAGNGSWVNEVLGPELPKCVPVCGVPREPFEEKQRIIGGSDADIKNFPWQVFFDNPWAGGALINEYWVLTAAHVV
EGNREPTMYVGSTSVQTSRLAKSKMLTPEHVFIHPGWKLLAVPEGRTNFDNDIALVRLKDPVKMGPTVSPICLPGTSSDY
NLMDGDLGLISGWGRTEKRDRAVRLKAARLPVAPLRKCKEVKVEKPTADAEAYVFTPNMICAGGEKGMDSCKGDSGGAFA
VQDPNDKTKFYAAGLVSWGPQCGTYGLYTRVKNYVDWIMKTMQENSTPRED
;
_entity_poly.pdbx_strand_id   A,B,C,D
#
# COMPACT_ATOMS: atom_id res chain seq x y z
N SER A 47 -14.09 -16.36 -28.25
CA SER A 47 -13.55 -15.12 -27.56
C SER A 47 -13.54 -15.30 -26.05
N ILE A 48 -12.35 -15.18 -25.44
CA ILE A 48 -12.19 -15.20 -24.00
C ILE A 48 -11.78 -13.82 -23.49
N GLU A 49 -12.03 -13.56 -22.20
CA GLU A 49 -11.65 -12.33 -21.52
C GLU A 49 -10.13 -12.24 -21.41
N ASN A 50 -9.57 -11.15 -21.97
CA ASN A 50 -8.17 -10.79 -21.83
C ASN A 50 -7.27 -11.59 -22.77
N GLY A 51 -7.85 -12.16 -23.83
CA GLY A 51 -7.14 -12.99 -24.79
C GLY A 51 -7.13 -12.38 -26.19
N LYS A 52 -6.74 -13.19 -27.18
CA LYS A 52 -6.73 -12.78 -28.58
C LYS A 52 -8.16 -12.77 -29.13
N TYR A 67 -4.92 -18.74 -29.58
CA TYR A 67 -5.25 -17.91 -28.38
C TYR A 67 -3.98 -17.41 -27.69
N THR A 68 -3.69 -16.11 -27.87
CA THR A 68 -2.77 -15.38 -27.01
C THR A 68 -3.60 -14.68 -25.93
N CYS A 69 -3.16 -14.78 -24.68
CA CYS A 69 -3.61 -13.85 -23.67
C CYS A 69 -2.95 -12.50 -23.93
N GLU A 70 -3.56 -11.42 -23.42
CA GLU A 70 -2.90 -10.12 -23.48
C GLU A 70 -1.71 -10.11 -22.51
N GLU A 71 -0.52 -10.45 -23.01
CA GLU A 71 0.72 -10.45 -22.24
C GLU A 71 1.36 -9.08 -22.35
N PRO A 72 2.05 -8.52 -21.34
CA PRO A 72 2.56 -9.24 -20.17
C PRO A 72 1.67 -9.25 -18.93
N TYR A 73 0.39 -8.87 -19.09
CA TYR A 73 -0.48 -8.55 -17.97
C TYR A 73 -1.32 -9.77 -17.60
N TYR A 74 -1.50 -10.68 -18.56
CA TYR A 74 -2.29 -11.86 -18.31
C TYR A 74 -1.51 -13.10 -18.77
N TYR A 75 -1.96 -14.27 -18.31
CA TYR A 75 -1.38 -15.56 -18.65
C TYR A 75 -2.49 -16.61 -18.57
N MET A 76 -2.34 -17.64 -19.42
CA MET A 76 -3.22 -18.79 -19.51
C MET A 76 -2.97 -19.75 -18.34
N GLU A 77 -4.06 -20.28 -17.74
CA GLU A 77 -3.96 -21.40 -16.82
C GLU A 77 -4.66 -22.64 -17.41
N GLY A 81 -2.09 -24.32 -24.90
CA GLY A 81 -3.47 -24.12 -25.37
C GLY A 81 -3.49 -23.24 -26.61
N VAL A 93 -12.48 -27.28 -30.02
CA VAL A 93 -11.60 -28.03 -30.96
C VAL A 93 -10.32 -28.45 -30.24
N ASN A 94 -10.42 -28.68 -28.92
CA ASN A 94 -9.26 -28.80 -28.06
C ASN A 94 -9.07 -30.25 -27.62
N VAL A 96 -6.86 -31.06 -24.43
CA VAL A 96 -6.83 -31.09 -22.93
C VAL A 96 -8.23 -30.80 -22.37
N LEU A 97 -8.72 -29.56 -22.59
CA LEU A 97 -10.02 -29.13 -22.08
C LEU A 97 -11.13 -29.70 -22.96
N GLY A 98 -10.85 -29.82 -24.27
CA GLY A 98 -11.82 -30.28 -25.24
C GLY A 98 -13.19 -29.66 -25.01
N PRO A 102 -10.44 -21.88 -22.34
CA PRO A 102 -9.16 -21.29 -21.90
C PRO A 102 -9.31 -19.96 -21.16
N LYS A 103 -8.52 -19.78 -20.11
CA LYS A 103 -8.67 -18.68 -19.16
C LYS A 103 -7.38 -17.87 -19.08
N CYS A 104 -7.52 -16.57 -19.37
CA CYS A 104 -6.44 -15.59 -19.22
C CYS A 104 -6.63 -14.81 -17.92
N VAL A 105 -5.67 -14.96 -16.99
CA VAL A 105 -5.75 -14.42 -15.64
C VAL A 105 -4.52 -13.57 -15.30
N PRO A 106 -4.66 -12.53 -14.46
CA PRO A 106 -3.56 -11.58 -14.22
C PRO A 106 -2.23 -12.17 -13.73
N VAL A 107 -1.14 -11.49 -14.06
CA VAL A 107 0.19 -11.83 -13.58
C VAL A 107 0.53 -10.86 -12.46
N CYS A 108 0.50 -11.35 -11.22
CA CYS A 108 0.85 -10.54 -10.08
C CYS A 108 2.36 -10.31 -10.03
N GLY A 109 2.76 -9.13 -9.55
CA GLY A 109 4.06 -8.97 -8.89
C GLY A 109 5.14 -8.34 -9.77
N VAL A 110 4.90 -8.29 -11.09
CA VAL A 110 5.96 -7.90 -12.00
C VAL A 110 5.71 -6.49 -12.52
N PRO A 111 6.42 -5.46 -12.00
CA PRO A 111 6.18 -4.09 -12.41
C PRO A 111 6.78 -3.97 -13.81
N ARG A 112 6.32 -2.99 -14.60
CA ARG A 112 6.87 -2.77 -15.93
C ARG A 112 8.24 -2.08 -15.84
N GLU A 113 8.37 -1.05 -14.98
CA GLU A 113 9.64 -0.40 -14.70
C GLU A 113 9.96 -0.52 -13.20
N PRO A 114 11.02 -1.23 -12.79
CA PRO A 114 11.33 -1.38 -11.37
C PRO A 114 11.70 -0.05 -10.73
N PHE A 115 11.35 0.09 -9.45
CA PHE A 115 11.62 1.30 -8.68
C PHE A 115 13.13 1.56 -8.59
N GLU A 116 13.54 2.82 -8.79
CA GLU A 116 14.92 3.23 -8.66
C GLU A 116 15.10 4.20 -7.48
N GLU A 117 15.78 3.73 -6.41
CA GLU A 117 16.10 4.52 -5.23
C GLU A 117 17.03 5.68 -5.59
N LYS A 118 16.92 6.80 -4.86
CA LYS A 118 17.86 7.90 -5.00
C LYS A 118 18.79 7.97 -3.78
N ILE A 121 5.79 8.69 3.22
CA ILE A 121 7.15 8.07 3.24
C ILE A 121 8.23 9.07 3.71
N ILE A 122 9.00 8.66 4.74
CA ILE A 122 10.22 9.36 5.12
C ILE A 122 11.43 8.57 4.62
N GLY A 123 12.44 9.30 4.14
CA GLY A 123 13.67 8.80 3.58
C GLY A 123 13.44 8.19 2.21
N GLY A 124 12.34 8.60 1.56
CA GLY A 124 11.99 7.98 0.29
C GLY A 124 12.52 8.79 -0.89
N SER A 125 12.11 8.41 -2.10
CA SER A 125 12.34 9.20 -3.31
C SER A 125 11.13 9.11 -4.24
N ASP A 126 11.21 9.82 -5.38
CA ASP A 126 10.07 9.85 -6.29
C ASP A 126 9.77 8.46 -6.86
N ALA A 127 8.51 8.05 -6.81
CA ALA A 127 8.12 6.79 -7.40
C ALA A 127 7.08 7.05 -8.48
N ASP A 128 7.15 6.27 -9.56
CA ASP A 128 6.11 6.27 -10.56
C ASP A 128 5.12 5.16 -10.23
N ILE A 129 3.83 5.48 -10.32
CA ILE A 129 2.82 4.43 -10.22
C ILE A 129 3.30 3.19 -10.98
N LYS A 130 4.05 3.40 -12.07
CA LYS A 130 4.57 2.29 -12.87
C LYS A 130 5.35 1.32 -11.99
N ASN A 131 6.18 1.88 -11.11
CA ASN A 131 7.00 1.12 -10.16
C ASN A 131 6.17 0.33 -9.15
N PHE A 132 4.90 0.71 -8.95
CA PHE A 132 4.09 0.21 -7.85
C PHE A 132 2.66 0.01 -8.34
N PRO A 133 2.49 -0.76 -9.44
CA PRO A 133 1.20 -0.85 -10.10
C PRO A 133 0.07 -1.46 -9.27
N TRP A 134 0.42 -2.07 -8.14
CA TRP A 134 -0.56 -2.60 -7.19
C TRP A 134 -1.06 -1.51 -6.22
N GLN A 135 -0.36 -0.36 -6.19
CA GLN A 135 -0.65 0.64 -5.18
C GLN A 135 -2.06 1.16 -5.42
N VAL A 136 -2.82 1.27 -4.34
CA VAL A 136 -4.17 1.79 -4.39
C VAL A 136 -4.26 3.00 -3.46
N PHE A 137 -5.01 4.00 -3.89
CA PHE A 137 -5.12 5.20 -3.11
C PHE A 137 -6.53 5.27 -2.54
N PHE A 138 -6.58 5.37 -1.20
CA PHE A 138 -7.82 5.63 -0.48
C PHE A 138 -7.87 7.12 -0.15
N ASP A 139 -9.06 7.72 -0.34
CA ASP A 139 -9.19 9.16 -0.28
C ASP A 139 -9.79 9.62 1.04
N ASN A 140 -10.83 8.95 1.55
CA ASN A 140 -11.71 9.60 2.50
C ASN A 140 -11.04 9.72 3.86
N PRO A 141 -10.53 8.62 4.46
CA PRO A 141 -9.28 8.68 5.21
C PRO A 141 -8.22 8.49 4.13
N TRP A 142 -7.16 9.31 4.18
CA TRP A 142 -6.03 9.29 3.27
C TRP A 142 -5.15 8.08 3.61
N ALA A 143 -5.23 7.05 2.76
CA ALA A 143 -4.56 5.79 3.02
C ALA A 143 -4.23 5.11 1.69
N GLY A 144 -3.71 3.89 1.80
CA GLY A 144 -3.35 3.13 0.64
C GLY A 144 -3.87 1.71 0.77
N GLY A 145 -3.75 0.98 -0.34
CA GLY A 145 -3.98 -0.45 -0.33
C GLY A 145 -3.23 -1.10 -1.46
N ALA A 146 -3.23 -2.46 -1.47
CA ALA A 146 -2.62 -3.28 -2.53
C ALA A 146 -3.69 -4.07 -3.31
N LEU A 147 -3.64 -3.96 -4.64
CA LEU A 147 -4.45 -4.83 -5.50
C LEU A 147 -3.91 -6.27 -5.53
N ILE A 148 -4.74 -7.27 -5.19
CA ILE A 148 -4.22 -8.65 -5.11
C ILE A 148 -4.82 -9.56 -6.17
N ASN A 149 -6.06 -9.29 -6.57
CA ASN A 149 -6.64 -9.82 -7.79
C ASN A 149 -7.69 -8.83 -8.31
N GLU A 150 -8.37 -9.20 -9.42
CA GLU A 150 -9.15 -8.23 -10.18
C GLU A 150 -10.40 -7.79 -9.42
N TYR A 151 -10.70 -8.45 -8.31
CA TYR A 151 -11.90 -8.19 -7.55
C TYR A 151 -11.58 -7.81 -6.09
N TRP A 152 -10.32 -7.92 -5.70
CA TRP A 152 -10.00 -7.80 -4.29
C TRP A 152 -8.87 -6.81 -4.07
N VAL A 153 -9.12 -5.80 -3.20
CA VAL A 153 -8.06 -4.94 -2.70
C VAL A 153 -7.74 -5.40 -1.30
N LEU A 154 -6.46 -5.33 -0.91
CA LEU A 154 -6.06 -5.71 0.44
C LEU A 154 -5.47 -4.49 1.15
N THR A 155 -5.94 -4.26 2.40
CA THR A 155 -5.60 -3.08 3.17
C THR A 155 -5.58 -3.41 4.66
N ALA A 156 -5.11 -2.45 5.48
CA ALA A 156 -5.18 -2.53 6.93
C ALA A 156 -6.63 -2.36 7.38
N ALA A 157 -7.06 -3.16 8.37
CA ALA A 157 -8.34 -3.05 9.07
C ALA A 157 -8.66 -1.61 9.45
N HIS A 158 -7.67 -0.92 10.03
CA HIS A 158 -7.88 0.38 10.63
C HIS A 158 -8.30 1.38 9.55
N VAL A 159 -7.96 1.05 8.29
CA VAL A 159 -8.21 1.97 7.20
C VAL A 159 -9.68 1.94 6.75
N VAL A 160 -10.38 0.83 6.99
CA VAL A 160 -11.76 0.67 6.55
C VAL A 160 -12.67 0.49 7.76
N GLU A 161 -12.07 0.37 8.95
CA GLU A 161 -12.82 0.11 10.17
C GLU A 161 -14.05 1.01 10.20
N GLY A 162 -13.84 2.29 9.94
CA GLY A 162 -14.93 3.25 9.88
C GLY A 162 -14.99 3.92 8.51
N ASN A 163 -14.60 3.17 7.45
CA ASN A 163 -15.07 3.57 6.13
C ASN A 163 -15.47 2.38 5.27
N ARG A 164 -16.77 2.03 5.32
CA ARG A 164 -17.22 0.74 4.83
C ARG A 164 -17.50 0.77 3.34
N GLU A 165 -17.55 1.98 2.79
CA GLU A 165 -17.65 2.23 1.36
C GLU A 165 -16.49 3.15 0.96
N PRO A 166 -15.23 2.66 0.90
CA PRO A 166 -14.09 3.53 0.66
C PRO A 166 -13.98 3.93 -0.81
N THR A 167 -13.34 5.08 -1.00
CA THR A 167 -13.13 5.65 -2.32
C THR A 167 -11.71 5.29 -2.74
N MET A 168 -11.57 4.45 -3.76
CA MET A 168 -10.23 4.00 -4.10
C MET A 168 -9.89 4.35 -5.55
N TYR A 169 -8.65 4.78 -5.75
CA TYR A 169 -8.13 5.11 -7.07
C TYR A 169 -6.96 4.19 -7.41
N VAL A 170 -6.74 4.03 -8.72
CA VAL A 170 -5.65 3.20 -9.20
C VAL A 170 -5.11 3.84 -10.46
N GLY A 171 -3.83 3.57 -10.78
CA GLY A 171 -3.31 3.87 -12.10
C GLY A 171 -2.59 5.21 -12.19
N SER A 172 -2.45 5.95 -11.07
CA SER A 172 -2.07 7.35 -11.09
C SER A 172 -0.91 7.65 -10.14
N THR A 173 0.08 8.40 -10.63
CA THR A 173 1.24 8.82 -9.84
C THR A 173 0.89 10.02 -8.97
N SER A 174 0.04 10.90 -9.51
CA SER A 174 -0.38 12.08 -8.78
C SER A 174 -1.78 11.86 -8.21
N VAL A 175 -2.02 12.38 -7.00
CA VAL A 175 -3.35 12.30 -6.39
C VAL A 175 -3.97 13.70 -6.34
N GLN A 176 -3.41 14.61 -7.13
CA GLN A 176 -3.95 15.94 -7.35
C GLN A 176 -5.34 15.80 -7.98
N THR A 177 -6.26 16.67 -7.53
CA THR A 177 -7.70 16.63 -7.85
C THR A 177 -7.93 16.62 -9.36
N SER A 178 -7.12 17.40 -10.10
CA SER A 178 -7.01 17.38 -11.56
C SER A 178 -6.88 15.94 -12.06
N ARG A 179 -5.82 15.25 -11.60
CA ARG A 179 -5.46 13.95 -12.10
C ARG A 179 -6.36 12.86 -11.52
N LEU A 180 -7.27 13.23 -10.60
CA LEU A 180 -8.15 12.27 -9.96
C LEU A 180 -9.44 12.04 -10.76
N ALA A 181 -9.66 12.83 -11.81
CA ALA A 181 -10.83 12.66 -12.68
C ALA A 181 -10.40 12.23 -14.10
N LYS A 184 -9.12 6.75 -12.59
CA LYS A 184 -9.69 5.37 -12.51
C LYS A 184 -10.00 5.04 -11.04
N MET A 185 -11.23 4.63 -10.81
CA MET A 185 -11.77 4.54 -9.48
C MET A 185 -12.36 3.14 -9.31
N LEU A 186 -12.23 2.55 -8.11
CA LEU A 186 -12.72 1.21 -7.85
C LEU A 186 -13.94 1.31 -6.95
N THR A 187 -15.03 0.64 -7.32
CA THR A 187 -16.24 0.66 -6.50
C THR A 187 -16.20 -0.52 -5.53
N PRO A 188 -16.30 -0.27 -4.19
CA PRO A 188 -16.35 -1.35 -3.19
C PRO A 188 -17.72 -2.02 -3.17
N GLU A 189 -17.72 -3.33 -2.90
CA GLU A 189 -18.97 -4.08 -2.81
C GLU A 189 -19.18 -4.52 -1.38
N HIS A 190 -18.12 -5.06 -0.76
CA HIS A 190 -18.19 -5.48 0.62
C HIS A 190 -16.83 -5.24 1.25
N VAL A 191 -16.82 -4.91 2.55
CA VAL A 191 -15.58 -4.82 3.30
C VAL A 191 -15.49 -5.99 4.28
N PHE A 192 -14.35 -6.68 4.33
CA PHE A 192 -14.20 -7.79 5.24
C PHE A 192 -13.06 -7.50 6.22
N ILE A 193 -13.42 -7.25 7.49
CA ILE A 193 -12.45 -7.00 8.53
C ILE A 193 -12.04 -8.34 9.12
N HIS A 194 -10.77 -8.48 9.51
CA HIS A 194 -10.38 -9.69 10.21
C HIS A 194 -11.10 -9.81 11.55
N PRO A 195 -11.64 -11.00 11.89
CA PRO A 195 -12.40 -11.20 13.12
C PRO A 195 -11.65 -10.93 14.43
N GLY A 196 -10.31 -10.94 14.37
CA GLY A 196 -9.46 -10.69 15.52
C GLY A 196 -9.05 -9.22 15.66
N TRP A 197 -9.43 -8.41 14.67
CA TRP A 197 -9.30 -6.98 14.86
C TRP A 197 -10.25 -6.48 15.96
N LYS A 198 -9.72 -5.61 16.82
CA LYS A 198 -10.51 -5.04 17.89
C LYS A 198 -11.27 -3.81 17.36
N LEU A 199 -12.59 -3.90 17.18
CA LEU A 199 -13.35 -2.77 16.67
C LEU A 199 -13.49 -1.68 17.73
N LEU A 200 -13.36 -0.43 17.30
CA LEU A 200 -13.52 0.73 18.16
C LEU A 200 -14.39 1.74 17.44
N ALA A 201 -15.29 2.33 18.23
CA ALA A 201 -16.18 3.39 17.80
C ALA A 201 -15.39 4.66 17.52
N VAL A 202 -14.43 4.97 18.40
CA VAL A 202 -13.56 6.14 18.31
C VAL A 202 -12.14 5.64 18.05
N PRO A 203 -11.50 5.99 16.90
CA PRO A 203 -10.19 5.43 16.54
C PRO A 203 -9.04 5.92 17.42
N GLU A 204 -9.13 7.19 17.88
CA GLU A 204 -8.03 7.90 18.53
C GLU A 204 -7.61 7.16 19.79
N GLY A 205 -6.30 6.91 19.89
CA GLY A 205 -5.72 6.25 21.04
C GLY A 205 -5.97 4.74 21.07
N ARG A 206 -6.19 4.13 19.89
CA ARG A 206 -6.04 2.69 19.79
C ARG A 206 -4.63 2.35 20.25
N THR A 207 -4.52 1.31 21.09
CA THR A 207 -3.21 0.90 21.53
C THR A 207 -2.87 -0.46 20.92
N ASN A 208 -3.94 -1.16 20.47
CA ASN A 208 -3.89 -2.56 20.04
C ASN A 208 -4.22 -2.69 18.54
N PHE A 209 -3.18 -2.91 17.72
CA PHE A 209 -3.37 -3.01 16.27
C PHE A 209 -3.16 -4.45 15.80
N ASP A 210 -3.52 -5.42 16.65
CA ASP A 210 -3.39 -6.83 16.33
C ASP A 210 -4.33 -7.17 15.17
N ASN A 211 -3.82 -7.94 14.19
CA ASN A 211 -4.64 -8.49 13.10
C ASN A 211 -5.14 -7.37 12.19
N ASP A 212 -4.31 -6.33 12.01
CA ASP A 212 -4.66 -5.15 11.25
C ASP A 212 -4.72 -5.52 9.77
N ILE A 213 -5.76 -6.30 9.38
CA ILE A 213 -5.92 -6.77 8.01
C ILE A 213 -7.40 -6.81 7.64
N ALA A 214 -7.70 -6.39 6.40
CA ALA A 214 -9.06 -6.36 5.91
C ALA A 214 -9.02 -6.51 4.39
N LEU A 215 -10.08 -7.13 3.83
CA LEU A 215 -10.22 -7.32 2.39
C LEU A 215 -11.39 -6.49 1.86
N VAL A 216 -11.28 -6.04 0.60
CA VAL A 216 -12.34 -5.25 0.00
C VAL A 216 -12.67 -5.85 -1.36
N ARG A 217 -13.92 -6.35 -1.50
CA ARG A 217 -14.34 -6.89 -2.78
C ARG A 217 -14.91 -5.76 -3.64
N LEU A 218 -14.44 -5.71 -4.89
CA LEU A 218 -14.84 -4.67 -5.83
C LEU A 218 -16.08 -5.12 -6.60
N LYS A 219 -16.83 -4.16 -7.17
CA LYS A 219 -18.01 -4.50 -7.94
C LYS A 219 -17.61 -5.09 -9.29
N ASP A 220 -16.72 -4.39 -10.02
CA ASP A 220 -16.33 -4.77 -11.37
C ASP A 220 -14.87 -5.16 -11.38
N PRO A 221 -14.48 -6.16 -12.22
CA PRO A 221 -13.08 -6.55 -12.36
C PRO A 221 -12.24 -5.37 -12.86
N VAL A 222 -11.01 -5.29 -12.34
CA VAL A 222 -10.00 -4.31 -12.67
C VAL A 222 -9.25 -4.77 -13.92
N LYS A 223 -9.23 -3.92 -14.96
CA LYS A 223 -8.42 -4.16 -16.14
C LYS A 223 -6.97 -3.75 -15.88
N MET A 224 -6.05 -4.71 -16.08
CA MET A 224 -4.62 -4.57 -15.84
C MET A 224 -3.94 -3.94 -17.06
N GLY A 225 -2.82 -3.24 -16.78
CA GLY A 225 -1.91 -2.75 -17.80
C GLY A 225 -0.64 -2.18 -17.18
N PRO A 226 0.00 -1.18 -17.86
CA PRO A 226 1.27 -0.62 -17.40
C PRO A 226 1.12 0.00 -16.01
N THR A 227 -0.10 0.41 -15.68
CA THR A 227 -0.24 1.24 -14.51
C THR A 227 -1.10 0.57 -13.44
N VAL A 228 -1.53 -0.67 -13.70
CA VAL A 228 -2.48 -1.32 -12.80
C VAL A 228 -2.29 -2.82 -12.97
N SER A 229 -1.73 -3.45 -11.92
CA SER A 229 -1.53 -4.90 -11.84
C SER A 229 -1.48 -5.35 -10.38
N PRO A 230 -1.81 -6.63 -10.06
CA PRO A 230 -1.79 -7.12 -8.68
C PRO A 230 -0.37 -7.28 -8.15
N ILE A 231 -0.29 -7.52 -6.84
CA ILE A 231 0.91 -7.99 -6.15
C ILE A 231 0.64 -9.43 -5.76
N CYS A 232 1.70 -10.23 -5.63
CA CYS A 232 1.56 -11.61 -5.15
C CYS A 232 1.33 -11.65 -3.64
N LEU A 233 0.71 -12.73 -3.16
CA LEU A 233 0.60 -12.99 -1.74
C LEU A 233 1.74 -13.91 -1.32
N PRO A 234 2.07 -13.98 0.00
CA PRO A 234 3.08 -14.94 0.47
C PRO A 234 2.56 -16.37 0.34
N GLY A 235 3.48 -17.33 0.20
CA GLY A 235 3.17 -18.73 0.48
C GLY A 235 3.30 -19.01 1.98
N THR A 236 2.84 -20.20 2.40
CA THR A 236 2.91 -20.60 3.81
C THR A 236 4.18 -21.40 4.05
N SER A 237 4.89 -21.70 2.96
CA SER A 237 6.22 -22.28 2.96
C SER A 237 7.15 -21.42 3.83
N SER A 238 8.21 -22.02 4.36
CA SER A 238 9.08 -21.40 5.35
C SER A 238 10.06 -20.43 4.69
N ASP A 239 10.25 -20.54 3.37
CA ASP A 239 11.16 -19.59 2.72
C ASP A 239 10.50 -18.21 2.65
N TYR A 240 9.27 -18.14 3.17
CA TYR A 240 8.51 -16.90 3.29
C TYR A 240 8.67 -16.26 4.67
N ASN A 241 9.18 -17.02 5.64
CA ASN A 241 9.54 -16.45 6.93
C ASN A 241 10.57 -15.36 6.66
N LEU A 242 10.27 -14.14 7.16
CA LEU A 242 11.18 -13.02 6.98
C LEU A 242 12.29 -13.11 8.01
N MET A 243 13.48 -12.58 7.67
CA MET A 243 14.60 -12.47 8.59
C MET A 243 15.05 -11.00 8.70
N ASP A 244 15.53 -10.64 9.90
CA ASP A 244 16.14 -9.34 10.13
C ASP A 244 17.09 -9.02 8.99
N GLY A 245 16.91 -7.87 8.34
CA GLY A 245 17.80 -7.45 7.27
C GLY A 245 17.16 -7.65 5.90
N ASP A 246 16.11 -8.49 5.82
CA ASP A 246 15.40 -8.64 4.56
C ASP A 246 14.96 -7.25 4.08
N LEU A 247 15.26 -6.94 2.80
CA LEU A 247 14.89 -5.67 2.20
C LEU A 247 13.53 -5.75 1.55
N GLY A 248 12.71 -4.72 1.81
CA GLY A 248 11.40 -4.56 1.20
C GLY A 248 11.18 -3.12 0.70
N LEU A 249 10.01 -2.89 0.09
CA LEU A 249 9.62 -1.58 -0.40
C LEU A 249 8.33 -1.09 0.28
N ILE A 250 8.31 0.21 0.57
CA ILE A 250 7.08 0.88 0.98
C ILE A 250 6.82 1.99 -0.06
N SER A 251 5.54 2.27 -0.30
CA SER A 251 5.21 3.29 -1.28
C SER A 251 3.86 3.84 -0.89
N GLY A 252 3.70 5.17 -0.98
CA GLY A 252 2.48 5.83 -0.55
C GLY A 252 2.47 7.35 -0.81
N TRP A 253 1.33 7.99 -0.51
CA TRP A 253 1.21 9.43 -0.65
C TRP A 253 1.15 10.06 0.74
N GLY A 254 1.71 9.40 1.76
CA GLY A 254 1.69 9.92 3.13
C GLY A 254 2.72 11.04 3.38
N ARG A 255 3.06 11.25 4.66
CA ARG A 255 3.84 12.40 5.11
C ARG A 255 5.31 12.27 4.70
N THR A 256 5.88 13.39 4.24
CA THR A 256 7.27 13.41 3.81
C THR A 256 8.03 14.46 4.60
N GLU A 257 9.31 14.61 4.29
CA GLU A 257 10.07 15.58 5.05
C GLU A 257 9.63 16.98 4.61
N LYS A 258 8.86 17.04 3.51
CA LYS A 258 8.50 18.31 2.88
C LYS A 258 7.02 18.64 3.03
N ARG A 259 6.17 17.62 3.24
CA ARG A 259 4.74 17.83 3.22
C ARG A 259 4.06 16.89 4.21
N ASP A 260 2.76 17.13 4.45
CA ASP A 260 1.99 16.31 5.35
C ASP A 260 1.33 15.16 4.58
N ARG A 261 0.90 15.46 3.36
CA ARG A 261 0.47 14.47 2.40
C ARG A 261 1.24 14.77 1.11
N ALA A 262 1.90 13.74 0.55
CA ALA A 262 2.54 13.92 -0.74
C ALA A 262 1.48 14.16 -1.83
N VAL A 263 1.90 14.77 -2.95
CA VAL A 263 1.06 14.96 -4.12
C VAL A 263 1.35 13.87 -5.16
N ARG A 264 2.63 13.47 -5.24
CA ARG A 264 3.09 12.41 -6.12
C ARG A 264 3.50 11.24 -5.25
N LEU A 265 3.41 10.02 -5.80
CA LEU A 265 3.82 8.78 -5.14
C LEU A 265 5.30 8.82 -4.73
N LYS A 266 5.58 8.32 -3.52
CA LYS A 266 6.90 8.30 -2.91
C LYS A 266 7.21 6.88 -2.47
N ALA A 267 8.49 6.49 -2.49
CA ALA A 267 8.82 5.14 -2.06
C ALA A 267 10.19 5.08 -1.41
N ALA A 268 10.41 3.98 -0.65
CA ALA A 268 11.69 3.72 -0.01
C ALA A 268 11.98 2.23 0.16
N ARG A 269 13.28 1.91 0.15
CA ARG A 269 13.78 0.58 0.45
C ARG A 269 14.22 0.56 1.92
N LEU A 270 13.79 -0.47 2.64
CA LEU A 270 14.07 -0.53 4.08
C LEU A 270 14.12 -1.98 4.60
N PRO A 271 14.97 -2.27 5.60
CA PRO A 271 15.17 -3.65 6.04
C PRO A 271 14.22 -4.01 7.18
N VAL A 272 13.91 -5.31 7.26
CA VAL A 272 13.21 -5.87 8.40
C VAL A 272 14.12 -5.82 9.65
N ALA A 273 13.56 -5.35 10.78
CA ALA A 273 14.37 -5.22 11.98
C ALA A 273 13.79 -6.05 13.12
N PRO A 274 14.63 -6.37 14.14
CA PRO A 274 14.15 -7.15 15.28
C PRO A 274 13.14 -6.27 16.01
N LEU A 275 12.15 -6.92 16.60
CA LEU A 275 10.98 -6.26 17.16
C LEU A 275 11.35 -5.38 18.35
N ARG A 276 12.55 -5.59 18.93
CA ARG A 276 13.00 -4.78 20.06
C ARG A 276 13.27 -3.33 19.61
N LYS A 277 13.65 -3.14 18.34
CA LYS A 277 14.01 -1.85 17.79
C LYS A 277 12.80 -0.91 17.85
N CYS A 278 11.64 -1.50 17.52
CA CYS A 278 10.34 -0.84 17.54
C CYS A 278 9.92 -0.51 18.97
N LYS A 279 10.24 -1.41 19.91
CA LYS A 279 9.75 -1.34 21.28
C LYS A 279 10.54 -0.27 22.03
N GLU A 280 11.70 0.10 21.47
CA GLU A 280 12.69 0.92 22.14
C GLU A 280 12.46 2.40 21.83
N VAL A 281 11.60 2.68 20.86
CA VAL A 281 11.20 4.06 20.60
C VAL A 281 10.23 4.49 21.70
N LYS A 282 10.69 5.41 22.56
CA LYS A 282 9.89 5.89 23.67
C LYS A 282 8.74 6.74 23.15
N VAL A 283 7.54 6.48 23.65
CA VAL A 283 6.40 7.34 23.40
C VAL A 283 5.57 7.54 24.69
N GLU A 291 -1.74 3.04 29.19
CA GLU A 291 -1.87 1.77 28.42
C GLU A 291 -0.79 1.73 27.33
N ALA A 292 0.02 0.66 27.33
CA ALA A 292 1.13 0.49 26.39
C ALA A 292 0.63 -0.01 25.03
N TYR A 293 1.33 0.40 23.96
CA TYR A 293 1.13 -0.22 22.66
C TYR A 293 1.32 -1.73 22.77
N VAL A 294 0.54 -2.50 21.99
CA VAL A 294 0.71 -3.94 21.98
C VAL A 294 1.59 -4.36 20.79
N PHE A 295 2.57 -5.21 21.08
CA PHE A 295 3.32 -5.86 20.02
C PHE A 295 2.93 -7.32 20.00
N THR A 296 2.50 -7.84 18.85
CA THR A 296 2.31 -9.29 18.78
C THR A 296 3.22 -9.90 17.70
N PRO A 297 3.33 -11.25 17.63
CA PRO A 297 3.96 -11.92 16.49
C PRO A 297 3.35 -11.61 15.13
N ASN A 298 2.18 -10.91 15.14
CA ASN A 298 1.52 -10.57 13.89
C ASN A 298 2.02 -9.25 13.30
N MET A 299 3.18 -8.78 13.78
CA MET A 299 3.60 -7.44 13.39
C MET A 299 5.09 -7.44 12.99
N ILE A 300 5.39 -7.10 11.74
CA ILE A 300 6.78 -6.91 11.31
C ILE A 300 7.28 -5.51 11.74
N CYS A 301 8.45 -5.49 12.39
CA CYS A 301 9.19 -4.26 12.53
C CYS A 301 10.13 -4.08 11.33
N ALA A 302 10.23 -2.84 10.82
CA ALA A 302 11.16 -2.55 9.75
C ALA A 302 11.61 -1.10 9.87
N GLY A 303 12.84 -0.85 9.43
CA GLY A 303 13.46 0.46 9.53
C GLY A 303 14.92 0.22 9.88
N GLY A 304 15.68 1.29 10.10
CA GLY A 304 17.09 1.16 10.42
C GLY A 304 17.82 2.50 10.41
N GLU A 305 19.13 2.44 10.17
CA GLU A 305 20.07 3.54 10.38
C GLU A 305 19.60 4.84 9.71
N LYS A 306 19.13 4.74 8.46
CA LYS A 306 18.93 5.91 7.61
C LYS A 306 17.62 6.64 7.97
N GLY A 307 16.86 6.06 8.90
CA GLY A 307 15.59 6.59 9.31
C GLY A 307 14.60 6.73 8.15
N MET A 308 14.49 5.69 7.32
CA MET A 308 13.37 5.54 6.41
C MET A 308 12.22 4.94 7.21
N ASP A 309 10.99 5.31 6.84
CA ASP A 309 9.78 4.89 7.54
C ASP A 309 8.56 5.26 6.68
N SER A 310 7.45 4.57 6.91
CA SER A 310 6.21 5.06 6.36
C SER A 310 5.53 5.91 7.41
N CYS A 311 4.53 6.74 7.05
CA CYS A 311 3.85 7.47 8.12
C CYS A 311 2.35 7.49 7.88
N LYS A 312 1.62 8.26 8.72
CA LYS A 312 0.22 8.58 8.50
C LYS A 312 0.04 8.98 7.03
N GLY A 313 -0.95 8.37 6.39
CA GLY A 313 -1.19 8.71 4.99
C GLY A 313 -0.79 7.53 4.11
N ASP A 314 0.16 6.73 4.61
CA ASP A 314 0.71 5.59 3.89
C ASP A 314 0.02 4.29 4.27
N SER A 315 -0.87 4.32 5.28
CA SER A 315 -1.20 3.07 5.98
C SER A 315 -2.12 2.17 5.13
N GLY A 316 -1.96 0.85 5.28
CA GLY A 316 -2.68 -0.09 4.45
C GLY A 316 -1.97 -0.44 3.13
N GLY A 317 -0.79 0.15 2.91
CA GLY A 317 -0.03 -0.08 1.69
C GLY A 317 0.87 -1.29 1.86
N ALA A 318 1.43 -1.79 0.75
CA ALA A 318 2.12 -3.08 0.77
C ALA A 318 3.60 -2.89 1.06
N PHE A 319 4.09 -3.65 2.02
CA PHE A 319 5.53 -3.74 2.20
C PHE A 319 5.91 -4.87 1.27
N ALA A 320 6.57 -4.52 0.16
CA ALA A 320 6.68 -5.38 -0.99
C ALA A 320 8.05 -6.03 -0.91
N VAL A 321 8.06 -7.36 -0.98
CA VAL A 321 9.27 -8.16 -0.80
C VAL A 321 9.48 -9.01 -2.05
N GLN A 322 10.75 -9.23 -2.40
CA GLN A 322 11.09 -10.07 -3.54
C GLN A 322 10.68 -11.50 -3.22
N ASP A 323 9.93 -12.08 -4.16
CA ASP A 323 9.65 -13.50 -4.13
C ASP A 323 10.94 -14.28 -3.89
N PRO A 324 10.93 -15.23 -2.91
CA PRO A 324 12.17 -15.95 -2.56
C PRO A 324 12.91 -16.58 -3.74
N ASN A 325 12.19 -16.91 -4.82
CA ASN A 325 12.74 -17.71 -5.91
C ASN A 325 12.76 -16.93 -7.24
N ASP A 326 12.26 -15.69 -7.23
CA ASP A 326 12.25 -14.84 -8.42
C ASP A 326 12.42 -13.40 -7.98
N LYS A 327 13.51 -12.75 -8.41
CA LYS A 327 13.90 -11.47 -7.81
C LYS A 327 13.09 -10.33 -8.42
N THR A 328 12.33 -10.63 -9.47
CA THR A 328 11.72 -9.63 -10.33
C THR A 328 10.21 -9.63 -10.11
N LYS A 329 9.78 -10.40 -9.10
CA LYS A 329 8.38 -10.59 -8.78
C LYS A 329 8.21 -10.25 -7.31
N PHE A 330 7.20 -9.45 -6.98
CA PHE A 330 7.06 -8.92 -5.63
C PHE A 330 5.81 -9.44 -4.94
N TYR A 331 5.92 -9.73 -3.65
CA TYR A 331 4.75 -10.15 -2.91
C TYR A 331 4.57 -9.24 -1.69
N ALA A 332 3.36 -9.18 -1.16
CA ALA A 332 3.15 -8.32 -0.02
C ALA A 332 3.46 -9.10 1.26
N ALA A 333 4.69 -8.94 1.75
CA ALA A 333 5.06 -9.46 3.06
C ALA A 333 4.35 -8.69 4.19
N GLY A 334 4.25 -7.36 4.06
CA GLY A 334 3.68 -6.56 5.12
C GLY A 334 2.65 -5.55 4.63
N LEU A 335 1.84 -5.01 5.58
CA LEU A 335 0.87 -3.94 5.41
C LEU A 335 1.26 -2.87 6.41
N VAL A 336 1.29 -1.58 5.99
CA VAL A 336 1.64 -0.48 6.87
C VAL A 336 0.53 -0.33 7.90
N SER A 337 0.86 -0.72 9.14
CA SER A 337 -0.08 -0.82 10.25
C SER A 337 -0.02 0.43 11.13
N TRP A 338 0.99 0.54 12.01
CA TRP A 338 1.09 1.64 12.97
C TRP A 338 2.56 1.92 13.28
N GLY A 339 2.87 2.94 14.13
CA GLY A 339 4.26 3.22 14.45
C GLY A 339 4.47 4.16 15.64
N PRO A 340 5.44 3.92 16.55
CA PRO A 340 5.63 4.79 17.71
C PRO A 340 5.85 6.26 17.35
N GLN A 341 6.63 6.51 16.27
CA GLN A 341 7.03 7.84 15.83
C GLN A 341 7.55 7.84 14.38
N CYS A 342 6.94 8.72 13.60
CA CYS A 342 7.20 8.84 12.18
C CYS A 342 8.68 9.15 11.97
N GLY A 343 9.35 8.30 11.19
CA GLY A 343 10.78 8.48 10.99
C GLY A 343 11.60 7.58 11.90
N THR A 344 10.97 6.70 12.68
CA THR A 344 11.76 5.79 13.48
C THR A 344 11.73 4.37 12.91
N TYR A 345 10.93 3.50 13.54
CA TYR A 345 10.70 2.14 13.09
C TYR A 345 9.20 1.92 13.03
N GLY A 346 8.72 1.20 12.03
CA GLY A 346 7.29 0.99 12.01
C GLY A 346 6.90 -0.47 12.07
N LEU A 347 5.60 -0.68 12.25
CA LEU A 347 5.00 -1.97 12.44
C LEU A 347 4.08 -2.28 11.25
N TYR A 348 4.18 -3.50 10.73
CA TYR A 348 3.44 -3.91 9.55
C TYR A 348 2.78 -5.26 9.83
N THR A 349 1.52 -5.42 9.43
CA THR A 349 0.76 -6.67 9.56
C THR A 349 1.53 -7.75 8.80
N ARG A 350 1.91 -8.82 9.51
CA ARG A 350 2.63 -9.94 8.89
C ARG A 350 1.64 -10.71 7.99
N VAL A 351 1.60 -10.37 6.71
CA VAL A 351 0.57 -10.92 5.84
C VAL A 351 0.55 -12.45 5.89
N LYS A 352 1.73 -13.08 5.89
CA LYS A 352 1.86 -14.53 5.87
C LYS A 352 0.88 -15.22 6.83
N ASN A 353 0.82 -14.78 8.09
CA ASN A 353 -0.12 -15.27 9.09
C ASN A 353 -1.60 -15.16 8.70
N TYR A 354 -1.91 -14.52 7.56
CA TYR A 354 -3.31 -14.24 7.23
C TYR A 354 -3.67 -14.88 5.88
N VAL A 355 -2.68 -15.51 5.24
CA VAL A 355 -2.85 -16.08 3.91
C VAL A 355 -4.03 -17.06 3.84
N ASP A 356 -4.22 -17.88 4.89
CA ASP A 356 -5.30 -18.86 4.90
C ASP A 356 -6.62 -18.10 4.85
N TRP A 357 -6.74 -17.09 5.73
CA TRP A 357 -7.93 -16.29 5.88
C TRP A 357 -8.26 -15.54 4.59
N ILE A 358 -7.23 -14.90 4.03
CA ILE A 358 -7.35 -14.22 2.76
C ILE A 358 -7.93 -15.18 1.74
N MET A 359 -7.31 -16.38 1.65
CA MET A 359 -7.69 -17.32 0.61
C MET A 359 -9.16 -17.67 0.81
N LYS A 360 -9.51 -18.00 2.07
CA LYS A 360 -10.83 -18.51 2.40
C LYS A 360 -11.88 -17.44 2.12
N THR A 361 -11.60 -16.19 2.52
CA THR A 361 -12.54 -15.09 2.33
C THR A 361 -12.88 -14.98 0.84
N MET A 362 -11.87 -15.09 -0.02
CA MET A 362 -12.03 -14.84 -1.44
C MET A 362 -12.80 -15.98 -2.11
N GLN A 363 -12.48 -17.22 -1.71
CA GLN A 363 -13.17 -18.41 -2.19
C GLN A 363 -14.64 -18.33 -1.80
N GLU A 364 -14.90 -18.06 -0.52
CA GLU A 364 -16.26 -18.11 0.00
C GLU A 364 -17.08 -16.88 -0.41
N ASN A 365 -16.51 -16.02 -1.26
CA ASN A 365 -17.21 -14.82 -1.72
C ASN A 365 -16.93 -14.65 -3.22
N ILE B 48 39.67 -0.53 -46.02
CA ILE B 48 39.09 -0.96 -44.70
C ILE B 48 38.58 -2.39 -44.80
N GLU B 49 38.56 -3.10 -43.65
CA GLU B 49 38.05 -4.46 -43.53
C GLU B 49 36.53 -4.47 -43.67
N ASN B 50 36.04 -5.41 -44.50
CA ASN B 50 34.63 -5.72 -44.67
C ASN B 50 33.86 -4.57 -45.33
N GLY B 51 34.56 -3.77 -46.15
CA GLY B 51 33.96 -2.67 -46.89
C GLY B 51 34.62 -2.46 -48.24
N TYR B 67 32.06 4.40 -49.70
CA TYR B 67 32.23 3.15 -48.91
C TYR B 67 30.88 2.48 -48.63
N THR B 68 30.74 1.23 -49.08
CA THR B 68 29.74 0.27 -48.62
C THR B 68 30.44 -0.77 -47.76
N CYS B 69 29.83 -1.12 -46.62
CA CYS B 69 30.25 -2.29 -45.89
C CYS B 69 29.70 -3.51 -46.61
N GLU B 70 30.27 -4.70 -46.34
CA GLU B 70 29.69 -5.93 -46.88
C GLU B 70 28.34 -6.20 -46.20
N GLU B 71 27.23 -5.83 -46.84
CA GLU B 71 25.89 -6.00 -46.29
C GLU B 71 25.33 -7.35 -46.75
N PRO B 72 24.42 -8.03 -46.01
CA PRO B 72 23.87 -7.57 -44.72
C PRO B 72 24.63 -7.94 -43.44
N TYR B 73 25.91 -8.28 -43.58
CA TYR B 73 26.66 -8.92 -42.51
C TYR B 73 27.46 -7.87 -41.73
N TYR B 74 27.70 -6.71 -42.35
CA TYR B 74 28.46 -5.68 -41.66
C TYR B 74 27.71 -4.36 -41.74
N TYR B 75 28.10 -3.45 -40.85
CA TYR B 75 27.52 -2.12 -40.77
C TYR B 75 28.58 -1.15 -40.26
N MET B 76 28.50 0.09 -40.75
CA MET B 76 29.41 1.18 -40.43
C MET B 76 29.11 1.70 -39.03
N GLU B 77 30.15 1.86 -38.21
CA GLU B 77 30.04 2.38 -36.85
C GLU B 77 30.87 3.67 -36.72
N GLY B 98 37.21 13.03 -40.22
CA GLY B 98 38.63 13.37 -40.41
C GLY B 98 39.43 12.22 -41.01
N PRO B 102 36.88 4.84 -41.55
CA PRO B 102 35.58 4.18 -41.28
C PRO B 102 35.75 2.70 -40.89
N LYS B 103 34.73 2.14 -40.22
CA LYS B 103 34.82 0.80 -39.65
C LYS B 103 33.54 0.00 -39.91
N CYS B 104 33.71 -1.15 -40.57
CA CYS B 104 32.62 -2.08 -40.83
C CYS B 104 32.65 -3.25 -39.86
N VAL B 105 31.62 -3.32 -39.01
CA VAL B 105 31.54 -4.23 -37.88
C VAL B 105 30.35 -5.18 -38.06
N PRO B 106 30.43 -6.40 -37.51
CA PRO B 106 29.35 -7.38 -37.64
C PRO B 106 27.98 -6.94 -37.11
N VAL B 107 26.93 -7.52 -37.71
CA VAL B 107 25.55 -7.30 -37.33
C VAL B 107 25.06 -8.53 -36.58
N CYS B 108 24.96 -8.40 -35.25
CA CYS B 108 24.51 -9.52 -34.45
C CYS B 108 23.03 -9.80 -34.68
N GLY B 109 22.65 -11.08 -34.60
CA GLY B 109 21.35 -11.54 -34.15
C GLY B 109 20.31 -11.75 -35.24
N VAL B 110 20.61 -11.32 -36.48
CA VAL B 110 19.68 -11.51 -37.57
C VAL B 110 20.10 -12.72 -38.43
N PRO B 111 19.37 -13.86 -38.35
CA PRO B 111 19.60 -14.98 -39.27
C PRO B 111 19.14 -14.56 -40.66
N ARG B 112 19.64 -15.24 -41.70
CA ARG B 112 19.16 -15.00 -43.06
C ARG B 112 17.81 -15.67 -43.27
N GLU B 113 17.65 -16.91 -42.77
CA GLU B 113 16.35 -17.60 -42.85
C GLU B 113 15.92 -17.97 -41.42
N PRO B 114 14.80 -17.42 -40.91
CA PRO B 114 14.37 -17.74 -39.54
C PRO B 114 13.96 -19.21 -39.43
N PHE B 115 14.19 -19.79 -38.25
CA PHE B 115 13.90 -21.20 -38.00
C PHE B 115 12.39 -21.47 -38.00
N GLU B 116 11.97 -22.55 -38.66
CA GLU B 116 10.55 -22.92 -38.67
C GLU B 116 10.29 -24.29 -38.02
N GLU B 117 9.57 -24.27 -36.88
CA GLU B 117 9.23 -25.45 -36.09
C GLU B 117 8.38 -26.39 -36.93
N LYS B 118 8.42 -27.69 -36.61
CA LYS B 118 7.51 -28.66 -37.21
C LYS B 118 6.54 -29.18 -36.13
N ILE B 121 18.79 -32.12 -28.56
CA ILE B 121 17.44 -31.47 -28.51
C ILE B 121 16.37 -32.56 -28.54
N ILE B 122 15.51 -32.54 -27.51
CA ILE B 122 14.29 -33.32 -27.51
C ILE B 122 13.10 -32.44 -27.90
N GLY B 123 12.20 -33.01 -28.72
CA GLY B 123 10.97 -32.38 -29.14
C GLY B 123 11.24 -31.28 -30.16
N GLY B 124 12.46 -31.24 -30.70
CA GLY B 124 12.80 -30.25 -31.73
C GLY B 124 12.60 -30.81 -33.14
N SER B 125 13.07 -30.08 -34.15
CA SER B 125 12.93 -30.44 -35.56
C SER B 125 14.17 -30.01 -36.33
N ASP B 126 14.23 -30.35 -37.63
CA ASP B 126 15.45 -30.07 -38.38
C ASP B 126 15.66 -28.56 -38.48
N ALA B 127 16.90 -28.12 -38.27
CA ALA B 127 17.22 -26.71 -38.47
C ALA B 127 18.43 -26.63 -39.36
N ASP B 128 18.55 -25.54 -40.12
CA ASP B 128 19.73 -25.34 -40.94
C ASP B 128 20.67 -24.42 -40.18
N ILE B 129 21.99 -24.63 -40.33
CA ILE B 129 22.95 -23.71 -39.77
C ILE B 129 22.53 -22.28 -40.12
N LYS B 130 21.79 -22.10 -41.21
CA LYS B 130 21.38 -20.76 -41.64
C LYS B 130 20.48 -20.15 -40.56
N ASN B 131 19.66 -21.01 -39.95
CA ASN B 131 18.67 -20.61 -38.95
C ASN B 131 19.34 -20.08 -37.69
N PHE B 132 20.59 -20.50 -37.45
CA PHE B 132 21.28 -20.36 -36.18
C PHE B 132 22.75 -20.09 -36.46
N PRO B 133 23.04 -19.01 -37.22
CA PRO B 133 24.39 -18.83 -37.76
C PRO B 133 25.41 -18.53 -36.67
N TRP B 134 24.98 -18.38 -35.42
CA TRP B 134 25.87 -18.11 -34.28
C TRP B 134 26.25 -19.44 -33.61
N GLN B 135 25.63 -20.55 -34.05
CA GLN B 135 25.88 -21.84 -33.41
C GLN B 135 27.31 -22.28 -33.68
N VAL B 136 28.01 -22.66 -32.61
CA VAL B 136 29.36 -23.20 -32.69
C VAL B 136 29.30 -24.62 -32.17
N PHE B 137 30.10 -25.50 -32.79
CA PHE B 137 30.09 -26.91 -32.46
C PHE B 137 31.43 -27.30 -31.86
N PHE B 138 31.40 -27.82 -30.64
CA PHE B 138 32.63 -28.22 -29.97
C PHE B 138 32.71 -29.73 -30.10
N ASP B 139 33.89 -30.25 -30.47
CA ASP B 139 34.00 -31.65 -30.82
C ASP B 139 34.55 -32.49 -29.68
N ASN B 140 35.56 -31.98 -28.97
CA ASN B 140 36.36 -32.88 -28.16
C ASN B 140 35.56 -33.46 -27.00
N PRO B 141 35.04 -32.63 -26.05
CA PRO B 141 33.71 -32.90 -25.51
C PRO B 141 32.72 -32.38 -26.55
N TRP B 142 31.74 -33.22 -26.90
CA TRP B 142 30.66 -32.89 -27.81
C TRP B 142 29.72 -31.91 -27.12
N ALA B 143 29.78 -30.65 -27.58
CA ALA B 143 28.99 -29.55 -27.02
C ALA B 143 28.83 -28.44 -28.06
N GLY B 144 28.18 -27.36 -27.66
CA GLY B 144 28.02 -26.20 -28.50
C GLY B 144 28.46 -24.92 -27.80
N GLY B 145 28.32 -23.83 -28.55
CA GLY B 145 28.56 -22.48 -28.09
C GLY B 145 27.97 -21.49 -29.09
N ALA B 146 28.05 -20.18 -28.74
CA ALA B 146 27.49 -19.13 -29.57
C ALA B 146 28.53 -18.04 -29.86
N LEU B 147 28.56 -17.57 -31.10
CA LEU B 147 29.51 -16.55 -31.50
C LEU B 147 28.99 -15.16 -31.10
N ILE B 148 29.76 -14.43 -30.28
CA ILE B 148 29.24 -13.15 -29.86
C ILE B 148 29.94 -11.96 -30.52
N ASN B 149 31.08 -12.21 -31.16
CA ASN B 149 31.77 -11.25 -32.02
C ASN B 149 32.93 -11.98 -32.68
N GLU B 150 33.68 -11.28 -33.54
CA GLU B 150 34.57 -11.94 -34.47
C GLU B 150 35.78 -12.57 -33.77
N TYR B 151 35.94 -12.34 -32.47
CA TYR B 151 37.11 -12.79 -31.75
C TYR B 151 36.71 -13.58 -30.49
N TRP B 152 35.42 -13.64 -30.22
CA TRP B 152 34.95 -14.27 -29.01
C TRP B 152 33.77 -15.19 -29.31
N VAL B 153 33.90 -16.42 -28.78
CA VAL B 153 32.82 -17.39 -28.63
C VAL B 153 32.42 -17.39 -27.16
N LEU B 154 31.18 -17.81 -26.85
CA LEU B 154 30.64 -17.84 -25.49
C LEU B 154 29.97 -19.19 -25.22
N THR B 155 30.28 -19.77 -24.04
CA THR B 155 29.91 -21.16 -23.78
C THR B 155 29.75 -21.35 -22.28
N ALA B 156 29.04 -22.43 -21.89
CA ALA B 156 29.03 -22.90 -20.50
C ALA B 156 30.45 -23.27 -20.07
N ALA B 157 30.85 -22.81 -18.87
CA ALA B 157 32.14 -23.08 -18.24
C ALA B 157 32.44 -24.59 -18.19
N HIS B 158 31.41 -25.42 -18.13
CA HIS B 158 31.63 -26.81 -17.84
C HIS B 158 32.14 -27.50 -19.10
N VAL B 159 31.93 -26.81 -20.24
CA VAL B 159 32.32 -27.27 -21.56
C VAL B 159 33.84 -27.12 -21.75
N VAL B 160 34.44 -26.06 -21.21
CA VAL B 160 35.87 -25.77 -21.41
C VAL B 160 36.69 -26.02 -20.13
N GLU B 161 36.00 -26.25 -19.00
CA GLU B 161 36.66 -26.54 -17.76
C GLU B 161 37.87 -27.44 -18.00
N GLY B 162 37.60 -28.59 -18.64
CA GLY B 162 38.56 -29.64 -18.86
C GLY B 162 38.92 -29.74 -20.34
N ASN B 163 38.76 -28.62 -21.08
CA ASN B 163 39.41 -28.54 -22.37
C ASN B 163 39.73 -27.08 -22.73
N ARG B 164 40.98 -26.67 -22.48
CA ARG B 164 41.38 -25.27 -22.53
C ARG B 164 41.81 -24.90 -23.95
N GLU B 165 41.90 -25.92 -24.80
CA GLU B 165 42.22 -25.73 -26.21
C GLU B 165 41.12 -26.40 -27.04
N PRO B 166 39.86 -25.90 -27.00
CA PRO B 166 38.73 -26.65 -27.55
C PRO B 166 38.73 -26.50 -29.07
N THR B 167 38.29 -27.56 -29.75
CA THR B 167 38.21 -27.53 -31.19
C THR B 167 36.78 -27.15 -31.56
N MET B 168 36.62 -26.11 -32.38
CA MET B 168 35.30 -25.54 -32.65
C MET B 168 35.12 -25.37 -34.16
N TYR B 169 33.91 -25.69 -34.66
CA TYR B 169 33.54 -25.51 -36.06
C TYR B 169 32.36 -24.54 -36.18
N VAL B 170 32.25 -23.92 -37.37
CA VAL B 170 31.16 -23.00 -37.65
C VAL B 170 30.68 -23.20 -39.08
N GLY B 171 29.42 -22.86 -39.34
CA GLY B 171 28.94 -22.70 -40.70
C GLY B 171 28.51 -24.00 -41.39
N SER B 172 28.27 -25.06 -40.61
CA SER B 172 27.91 -26.38 -41.12
C SER B 172 26.67 -26.90 -40.39
N THR B 173 25.73 -27.45 -41.15
CA THR B 173 24.52 -28.03 -40.59
C THR B 173 24.82 -29.43 -40.12
N SER B 174 25.67 -30.14 -40.87
CA SER B 174 26.10 -31.50 -40.52
C SER B 174 27.39 -31.45 -39.69
N VAL B 175 27.56 -32.43 -38.80
CA VAL B 175 28.83 -32.52 -38.09
C VAL B 175 29.48 -33.86 -38.40
N GLN B 176 29.03 -34.51 -39.47
CA GLN B 176 29.69 -35.72 -39.91
C GLN B 176 31.10 -35.39 -40.43
N THR B 177 31.98 -36.40 -40.29
CA THR B 177 33.43 -36.35 -40.47
C THR B 177 33.81 -35.85 -41.87
N SER B 178 32.99 -36.23 -42.87
CA SER B 178 33.14 -35.76 -44.24
C SER B 178 32.90 -34.25 -44.33
N ARG B 179 31.85 -33.73 -43.67
CA ARG B 179 31.51 -32.32 -43.80
C ARG B 179 32.29 -31.49 -42.79
N LEU B 180 33.07 -32.15 -41.91
CA LEU B 180 33.84 -31.44 -40.89
C LEU B 180 35.22 -31.05 -41.43
N ALA B 181 35.68 -31.81 -42.44
CA ALA B 181 36.98 -31.61 -43.04
C ALA B 181 36.96 -30.36 -43.93
N LYS B 182 35.76 -29.98 -44.38
CA LYS B 182 35.61 -28.84 -45.27
C LYS B 182 35.02 -27.67 -44.48
N SER B 183 34.68 -27.96 -43.22
CA SER B 183 34.05 -27.03 -42.30
C SER B 183 35.05 -25.98 -41.79
N LYS B 184 34.56 -24.76 -41.57
CA LYS B 184 35.39 -23.74 -40.96
C LYS B 184 35.67 -24.05 -39.48
N MET B 185 36.91 -23.85 -39.06
CA MET B 185 37.31 -24.24 -37.73
C MET B 185 37.98 -23.06 -37.05
N LEU B 186 37.60 -22.79 -35.79
CA LEU B 186 38.09 -21.62 -35.07
C LEU B 186 39.20 -22.02 -34.11
N THR B 187 40.36 -21.35 -34.17
CA THR B 187 41.46 -21.64 -33.26
C THR B 187 41.28 -20.81 -31.99
N PRO B 188 41.38 -21.45 -30.80
CA PRO B 188 41.34 -20.74 -29.53
C PRO B 188 42.68 -20.10 -29.20
N GLU B 189 42.62 -18.96 -28.48
CA GLU B 189 43.80 -18.24 -28.05
C GLU B 189 43.97 -18.38 -26.54
N HIS B 190 42.87 -18.15 -25.80
CA HIS B 190 42.81 -18.27 -24.36
C HIS B 190 41.37 -18.59 -23.95
N VAL B 191 41.20 -19.26 -22.80
CA VAL B 191 39.87 -19.60 -22.31
C VAL B 191 39.61 -18.88 -20.98
N PHE B 192 38.47 -18.19 -20.88
CA PHE B 192 38.19 -17.41 -19.68
C PHE B 192 37.02 -18.01 -18.92
N ILE B 193 37.32 -18.65 -17.77
CA ILE B 193 36.28 -19.24 -16.94
C ILE B 193 35.79 -18.18 -15.97
N HIS B 194 34.48 -18.17 -15.70
CA HIS B 194 33.98 -17.20 -14.74
C HIS B 194 34.52 -17.54 -13.35
N PRO B 195 35.08 -16.55 -12.64
CA PRO B 195 35.69 -16.75 -11.32
C PRO B 195 34.84 -17.43 -10.24
N GLY B 196 33.52 -17.40 -10.39
CA GLY B 196 32.61 -18.03 -9.45
C GLY B 196 32.22 -19.45 -9.85
N TRP B 197 32.71 -19.86 -11.02
CA TRP B 197 32.59 -21.27 -11.36
C TRP B 197 33.45 -22.07 -10.39
N LYS B 198 32.89 -23.19 -9.91
CA LYS B 198 33.61 -24.06 -9.00
C LYS B 198 34.37 -25.11 -9.83
N LEU B 199 35.70 -24.95 -9.97
CA LEU B 199 36.48 -25.94 -10.70
C LEU B 199 36.49 -27.26 -9.94
N LEU B 200 36.37 -28.36 -10.70
CA LEU B 200 36.58 -29.71 -10.20
C LEU B 200 37.55 -30.43 -11.13
N ALA B 201 38.29 -31.38 -10.58
CA ALA B 201 39.27 -32.16 -11.32
C ALA B 201 38.57 -33.33 -12.01
N VAL B 202 37.57 -33.89 -11.34
CA VAL B 202 36.67 -34.91 -11.87
C VAL B 202 35.27 -34.28 -12.06
N PRO B 203 34.74 -34.21 -13.31
CA PRO B 203 33.46 -33.54 -13.57
C PRO B 203 32.20 -34.20 -12.99
N GLU B 204 32.16 -35.55 -12.99
CA GLU B 204 30.98 -36.38 -12.76
C GLU B 204 30.30 -36.09 -11.42
N GLY B 205 31.08 -35.75 -10.40
CA GLY B 205 30.52 -35.19 -9.18
C GLY B 205 29.36 -34.19 -9.36
N ARG B 206 29.57 -33.17 -10.21
CA ARG B 206 29.02 -31.84 -10.04
C ARG B 206 27.55 -31.81 -9.65
N THR B 207 27.30 -31.11 -8.54
CA THR B 207 25.92 -30.83 -8.17
C THR B 207 25.67 -29.32 -8.22
N ASN B 208 26.76 -28.54 -8.42
CA ASN B 208 26.77 -27.07 -8.38
C ASN B 208 27.23 -26.48 -9.71
N PHE B 209 26.25 -25.98 -10.49
CA PHE B 209 26.51 -25.42 -11.81
C PHE B 209 26.40 -23.89 -11.82
N ASP B 210 26.57 -23.26 -10.64
CA ASP B 210 26.52 -21.80 -10.50
C ASP B 210 27.54 -21.13 -11.42
N ASN B 211 27.15 -20.05 -12.11
CA ASN B 211 28.09 -19.24 -12.87
C ASN B 211 28.70 -20.03 -14.03
N ASP B 212 27.89 -20.90 -14.64
CA ASP B 212 28.35 -21.75 -15.73
C ASP B 212 28.50 -20.92 -17.00
N ILE B 213 29.53 -20.04 -17.05
CA ILE B 213 29.82 -19.20 -18.21
C ILE B 213 31.33 -19.03 -18.38
N ALA B 214 31.73 -18.94 -19.66
CA ALA B 214 33.12 -18.86 -20.06
C ALA B 214 33.17 -18.26 -21.45
N LEU B 215 34.24 -17.48 -21.69
CA LEU B 215 34.55 -16.91 -23.00
C LEU B 215 35.79 -17.59 -23.58
N VAL B 216 35.84 -17.65 -24.91
CA VAL B 216 36.97 -18.21 -25.65
C VAL B 216 37.45 -17.15 -26.64
N ARG B 217 38.68 -16.66 -26.48
CA ARG B 217 39.18 -15.70 -27.46
C ARG B 217 39.82 -16.48 -28.60
N LEU B 218 39.41 -16.09 -29.81
CA LEU B 218 39.85 -16.72 -31.02
C LEU B 218 41.19 -16.12 -31.43
N LYS B 219 41.96 -16.85 -32.25
CA LYS B 219 43.21 -16.32 -32.78
C LYS B 219 42.90 -15.30 -33.88
N ASP B 220 42.14 -15.71 -34.91
CA ASP B 220 41.87 -14.91 -36.10
C ASP B 220 40.40 -14.51 -36.17
N PRO B 221 40.09 -13.31 -36.70
CA PRO B 221 38.70 -12.84 -36.80
C PRO B 221 37.88 -13.77 -37.69
N VAL B 222 36.62 -13.98 -37.28
CA VAL B 222 35.62 -14.78 -37.98
C VAL B 222 35.01 -13.90 -39.08
N LYS B 223 35.05 -14.39 -40.31
CA LYS B 223 34.43 -13.78 -41.46
C LYS B 223 32.96 -14.24 -41.59
N MET B 224 32.01 -13.27 -41.57
CA MET B 224 30.57 -13.54 -41.51
C MET B 224 29.97 -13.60 -42.91
N GLY B 225 28.88 -14.36 -43.00
CA GLY B 225 28.13 -14.54 -44.23
C GLY B 225 26.88 -15.34 -43.90
N PRO B 226 26.27 -16.04 -44.90
CA PRO B 226 24.94 -16.62 -44.73
C PRO B 226 24.94 -17.58 -43.54
N THR B 227 26.10 -18.21 -43.29
CA THR B 227 26.07 -19.36 -42.42
C THR B 227 26.87 -19.08 -41.17
N VAL B 228 27.42 -17.86 -41.06
CA VAL B 228 28.26 -17.54 -39.92
C VAL B 228 28.07 -16.06 -39.55
N SER B 229 27.47 -15.82 -38.36
CA SER B 229 27.29 -14.49 -37.79
C SER B 229 27.06 -14.52 -36.26
N PRO B 230 27.32 -13.41 -35.51
CA PRO B 230 27.13 -13.40 -34.06
C PRO B 230 25.67 -13.31 -33.64
N ILE B 231 25.40 -13.69 -32.38
CA ILE B 231 24.17 -13.40 -31.67
C ILE B 231 24.42 -12.15 -30.84
N CYS B 232 23.35 -11.42 -30.51
CA CYS B 232 23.42 -10.24 -29.64
C CYS B 232 23.53 -10.67 -28.18
N LEU B 233 24.09 -9.80 -27.34
CA LEU B 233 24.05 -10.03 -25.90
C LEU B 233 22.84 -9.31 -25.29
N PRO B 234 22.44 -9.64 -24.04
CA PRO B 234 21.37 -8.88 -23.41
C PRO B 234 21.92 -7.49 -23.02
N GLY B 235 21.02 -6.52 -22.87
CA GLY B 235 21.34 -5.33 -22.10
C GLY B 235 20.96 -5.60 -20.65
N THR B 236 21.31 -4.66 -19.76
CA THR B 236 21.00 -4.80 -18.34
C THR B 236 19.70 -4.07 -18.01
N SER B 237 19.17 -3.32 -18.99
CA SER B 237 17.81 -2.79 -18.92
C SER B 237 16.82 -3.89 -18.49
N SER B 238 15.73 -3.49 -17.80
CA SER B 238 14.75 -4.41 -17.25
C SER B 238 13.94 -5.10 -18.34
N ASP B 239 13.99 -4.51 -19.54
CA ASP B 239 13.36 -5.05 -20.74
C ASP B 239 13.76 -6.51 -20.92
N TYR B 240 14.91 -6.85 -20.30
CA TYR B 240 15.65 -8.07 -20.58
C TYR B 240 15.43 -9.12 -19.49
N ASN B 241 14.83 -8.73 -18.36
CA ASN B 241 14.37 -9.69 -17.38
C ASN B 241 13.38 -10.61 -18.09
N LEU B 242 13.65 -11.91 -18.05
CA LEU B 242 12.73 -12.87 -18.63
C LEU B 242 11.57 -13.04 -17.66
N MET B 243 10.44 -13.49 -18.21
CA MET B 243 9.18 -13.72 -17.50
C MET B 243 8.71 -15.12 -17.83
N ASP B 244 8.15 -15.83 -16.85
CA ASP B 244 7.57 -17.15 -17.09
C ASP B 244 6.70 -17.07 -18.34
N GLY B 245 7.06 -17.85 -19.37
CA GLY B 245 6.26 -17.96 -20.58
C GLY B 245 6.96 -17.37 -21.81
N ASP B 246 7.96 -16.51 -21.60
CA ASP B 246 8.71 -15.97 -22.73
C ASP B 246 9.21 -17.14 -23.59
N LEU B 247 9.08 -17.02 -24.92
CA LEU B 247 9.53 -18.07 -25.82
C LEU B 247 10.96 -17.81 -26.29
N GLY B 248 11.76 -18.89 -26.32
CA GLY B 248 13.13 -18.89 -26.79
C GLY B 248 13.46 -20.13 -27.65
N LEU B 249 14.62 -20.11 -28.31
CA LEU B 249 15.07 -21.23 -29.12
C LEU B 249 16.33 -21.87 -28.51
N ILE B 250 16.37 -23.21 -28.61
CA ILE B 250 17.57 -24.00 -28.35
C ILE B 250 17.97 -24.73 -29.64
N SER B 251 19.27 -24.89 -29.87
CA SER B 251 19.74 -25.56 -31.07
C SER B 251 21.10 -26.19 -30.78
N GLY B 252 21.32 -27.41 -31.31
CA GLY B 252 22.59 -28.12 -31.13
C GLY B 252 22.60 -29.54 -31.69
N TRP B 253 23.70 -30.26 -31.46
CA TRP B 253 23.85 -31.57 -32.06
C TRP B 253 23.78 -32.66 -31.00
N GLY B 254 23.03 -32.41 -29.90
CA GLY B 254 22.93 -33.35 -28.79
C GLY B 254 21.87 -34.44 -29.03
N ARG B 255 21.52 -35.11 -27.93
CA ARG B 255 20.66 -36.29 -27.90
C ARG B 255 19.26 -35.97 -28.39
N THR B 256 18.74 -36.83 -29.25
CA THR B 256 17.38 -36.70 -29.77
C THR B 256 16.62 -37.98 -29.47
N GLU B 257 15.47 -38.15 -30.10
CA GLU B 257 14.66 -39.28 -29.69
C GLU B 257 15.13 -40.44 -30.54
N LYS B 258 16.02 -40.14 -31.50
CA LYS B 258 16.46 -41.13 -32.46
C LYS B 258 17.94 -41.48 -32.27
N ARG B 259 18.68 -40.67 -31.52
CA ARG B 259 20.13 -40.81 -31.50
C ARG B 259 20.70 -40.26 -30.20
N ASP B 260 21.93 -40.66 -29.88
CA ASP B 260 22.63 -40.15 -28.72
C ASP B 260 23.25 -38.78 -29.06
N ARG B 261 23.78 -38.66 -30.28
CA ARG B 261 24.25 -37.39 -30.81
C ARG B 261 23.61 -37.27 -32.18
N ALA B 262 23.09 -36.09 -32.53
CA ALA B 262 22.57 -35.87 -33.86
C ALA B 262 23.71 -35.64 -34.85
N VAL B 263 23.39 -35.81 -36.14
CA VAL B 263 24.33 -35.61 -37.23
C VAL B 263 24.11 -34.22 -37.78
N ARG B 264 22.83 -33.87 -37.92
CA ARG B 264 22.43 -32.58 -38.45
C ARG B 264 21.86 -31.78 -37.28
N LEU B 265 22.02 -30.45 -37.36
CA LEU B 265 21.54 -29.48 -36.39
C LEU B 265 20.03 -29.61 -36.18
N LYS B 266 19.62 -29.63 -34.89
CA LYS B 266 18.23 -29.72 -34.46
C LYS B 266 17.90 -28.46 -33.65
N ALA B 267 16.61 -28.21 -33.43
CA ALA B 267 16.15 -26.99 -32.77
C ALA B 267 14.73 -27.12 -32.24
N ALA B 268 14.44 -26.30 -31.20
CA ALA B 268 13.15 -26.27 -30.54
C ALA B 268 12.75 -24.90 -29.98
N ARG B 269 11.45 -24.65 -30.06
CA ARG B 269 10.89 -23.48 -29.41
C ARG B 269 10.38 -23.95 -28.06
N LEU B 270 10.81 -23.27 -26.99
CA LEU B 270 10.35 -23.60 -25.65
C LEU B 270 10.16 -22.36 -24.74
N PRO B 271 9.18 -22.38 -23.81
CA PRO B 271 9.00 -21.27 -22.85
C PRO B 271 9.84 -21.34 -21.59
N VAL B 272 10.14 -20.14 -21.04
CA VAL B 272 10.76 -19.99 -19.73
C VAL B 272 9.76 -20.49 -18.67
N ALA B 273 10.23 -21.28 -17.68
CA ALA B 273 9.31 -21.74 -16.65
C ALA B 273 9.73 -21.25 -15.26
N PRO B 274 8.78 -21.20 -14.30
CA PRO B 274 9.11 -20.95 -12.89
C PRO B 274 10.07 -22.02 -12.40
N LEU B 275 10.93 -21.61 -11.48
CA LEU B 275 12.11 -22.41 -11.09
C LEU B 275 11.69 -23.66 -10.33
N ARG B 276 10.46 -23.66 -9.80
CA ARG B 276 9.91 -24.79 -9.06
C ARG B 276 9.68 -25.98 -9.98
N LYS B 277 9.47 -25.73 -11.28
CA LYS B 277 9.20 -26.80 -12.23
C LYS B 277 10.43 -27.71 -12.30
N CYS B 278 11.61 -27.09 -12.26
CA CYS B 278 12.92 -27.70 -12.45
C CYS B 278 13.31 -28.47 -11.18
N LYS B 279 12.87 -27.94 -10.05
CA LYS B 279 13.23 -28.47 -8.75
C LYS B 279 12.37 -29.70 -8.49
N GLU B 280 11.30 -29.82 -9.29
CA GLU B 280 10.24 -30.76 -9.01
C GLU B 280 10.48 -32.09 -9.73
N VAL B 281 11.45 -32.14 -10.63
CA VAL B 281 11.75 -33.38 -11.32
C VAL B 281 12.53 -34.28 -10.35
N LYS B 282 12.00 -35.46 -10.05
CA LYS B 282 12.74 -36.41 -9.21
C LYS B 282 14.06 -36.74 -9.90
N VAL B 283 15.13 -36.82 -9.11
CA VAL B 283 16.46 -36.99 -9.67
C VAL B 283 17.19 -38.12 -8.91
N GLU B 284 18.19 -38.71 -9.58
CA GLU B 284 19.09 -39.68 -8.97
C GLU B 284 20.54 -39.27 -9.27
N GLU B 291 23.76 -35.64 -2.02
CA GLU B 291 24.00 -34.20 -2.32
C GLU B 291 22.98 -33.68 -3.34
N ALA B 292 22.26 -32.61 -2.95
CA ALA B 292 21.24 -31.98 -3.78
C ALA B 292 21.88 -31.05 -4.81
N TYR B 293 21.30 -31.05 -6.02
CA TYR B 293 21.64 -30.06 -7.02
C TYR B 293 21.43 -28.66 -6.45
N VAL B 294 22.21 -27.69 -6.95
CA VAL B 294 22.06 -26.33 -6.49
C VAL B 294 21.27 -25.52 -7.52
N PHE B 295 20.25 -24.79 -7.07
CA PHE B 295 19.52 -23.86 -7.93
C PHE B 295 19.87 -22.46 -7.47
N THR B 296 20.35 -21.59 -8.36
CA THR B 296 20.57 -20.20 -7.94
C THR B 296 19.81 -19.23 -8.84
N PRO B 297 19.72 -17.92 -8.48
CA PRO B 297 19.16 -16.93 -9.41
C PRO B 297 19.89 -16.83 -10.76
N ASN B 298 21.04 -17.50 -10.87
CA ASN B 298 21.77 -17.37 -12.13
C ASN B 298 21.28 -18.40 -13.13
N MET B 299 20.20 -19.12 -12.81
CA MET B 299 19.81 -20.20 -13.69
C MET B 299 18.38 -20.04 -14.20
N ILE B 300 18.21 -19.87 -15.52
CA ILE B 300 16.89 -19.92 -16.12
C ILE B 300 16.40 -21.36 -16.13
N CYS B 301 15.15 -21.59 -15.68
CA CYS B 301 14.47 -22.83 -15.96
C CYS B 301 13.62 -22.68 -17.23
N ALA B 302 13.67 -23.68 -18.12
CA ALA B 302 12.83 -23.66 -19.32
C ALA B 302 12.38 -25.07 -19.71
N GLY B 303 11.27 -25.14 -20.44
CA GLY B 303 10.60 -26.41 -20.71
C GLY B 303 9.10 -26.21 -20.55
N GLY B 304 8.33 -27.30 -20.61
CA GLY B 304 6.89 -27.24 -20.43
C GLY B 304 6.17 -28.50 -20.90
N GLU B 305 4.88 -28.37 -21.19
CA GLU B 305 3.96 -29.48 -21.45
C GLU B 305 4.48 -30.44 -22.51
N LYS B 306 4.98 -29.92 -23.63
CA LYS B 306 5.34 -30.73 -24.79
C LYS B 306 6.56 -31.63 -24.53
N GLY B 307 7.33 -31.35 -23.47
CA GLY B 307 8.49 -32.17 -23.14
C GLY B 307 9.74 -31.81 -23.95
N MET B 308 9.72 -30.68 -24.66
CA MET B 308 10.90 -30.18 -25.34
C MET B 308 11.97 -29.84 -24.31
N ASP B 309 13.23 -30.14 -24.64
CA ASP B 309 14.36 -29.93 -23.73
C ASP B 309 15.66 -29.93 -24.54
N SER B 310 16.72 -29.40 -23.95
CA SER B 310 18.05 -29.65 -24.47
C SER B 310 18.71 -30.76 -23.64
N CYS B 311 19.76 -31.44 -24.14
CA CYS B 311 20.31 -32.52 -23.33
C CYS B 311 21.83 -32.55 -23.42
N LYS B 312 22.47 -33.60 -22.86
CA LYS B 312 23.88 -33.86 -23.07
C LYS B 312 24.20 -33.76 -24.56
N GLY B 313 25.28 -33.05 -24.89
CA GLY B 313 25.66 -32.84 -26.27
C GLY B 313 25.22 -31.48 -26.80
N ASP B 314 24.20 -30.89 -26.14
CA ASP B 314 23.74 -29.55 -26.47
C ASP B 314 24.45 -28.46 -25.64
N SER B 315 25.20 -28.80 -24.58
CA SER B 315 25.52 -27.76 -23.60
C SER B 315 26.43 -26.64 -24.12
N GLY B 316 26.27 -25.44 -23.53
CA GLY B 316 27.02 -24.27 -23.98
C GLY B 316 26.36 -23.56 -25.17
N GLY B 317 25.23 -24.08 -25.66
CA GLY B 317 24.54 -23.43 -26.74
C GLY B 317 23.63 -22.34 -26.17
N ALA B 318 23.07 -21.54 -27.06
CA ALA B 318 22.42 -20.30 -26.65
C ALA B 318 20.92 -20.49 -26.65
N PHE B 319 20.33 -20.13 -25.52
CA PHE B 319 18.90 -20.01 -25.49
C PHE B 319 18.61 -18.64 -26.07
N ALA B 320 18.25 -18.61 -27.36
CA ALA B 320 18.07 -17.39 -28.11
C ALA B 320 16.67 -16.86 -27.85
N VAL B 321 16.60 -15.58 -27.51
CA VAL B 321 15.34 -14.89 -27.22
C VAL B 321 15.22 -13.67 -28.12
N GLN B 322 14.00 -13.34 -28.54
CA GLN B 322 13.75 -12.16 -29.32
C GLN B 322 14.11 -10.92 -28.52
N ASP B 323 14.87 -10.04 -29.17
CA ASP B 323 15.12 -8.71 -28.68
C ASP B 323 13.79 -8.03 -28.33
N PRO B 324 13.65 -7.49 -27.09
CA PRO B 324 12.39 -6.87 -26.67
C PRO B 324 11.82 -5.87 -27.69
N ASN B 325 12.69 -5.14 -28.39
CA ASN B 325 12.15 -4.12 -29.27
C ASN B 325 12.32 -4.46 -30.75
N ASP B 326 12.87 -5.64 -31.08
CA ASP B 326 12.97 -6.05 -32.48
C ASP B 326 12.69 -7.55 -32.55
N LYS B 327 11.71 -7.91 -33.37
CA LYS B 327 11.13 -9.25 -33.46
C LYS B 327 12.07 -10.21 -34.19
N THR B 328 12.94 -9.67 -35.03
CA THR B 328 13.67 -10.42 -36.02
C THR B 328 15.13 -10.53 -35.60
N LYS B 329 15.43 -9.97 -34.42
CA LYS B 329 16.80 -9.93 -33.90
C LYS B 329 16.87 -10.76 -32.62
N PHE B 330 17.88 -11.62 -32.50
CA PHE B 330 17.95 -12.55 -31.39
C PHE B 330 19.14 -12.26 -30.48
N TYR B 331 18.96 -12.52 -29.17
CA TYR B 331 20.05 -12.36 -28.22
C TYR B 331 20.20 -13.63 -27.36
N ALA B 332 21.38 -13.79 -26.79
CA ALA B 332 21.64 -14.90 -25.89
C ALA B 332 21.05 -14.64 -24.51
N ALA B 333 19.77 -14.97 -24.29
CA ALA B 333 19.21 -14.92 -22.94
C ALA B 333 19.88 -15.95 -22.02
N GLY B 334 20.12 -17.16 -22.56
CA GLY B 334 20.51 -18.32 -21.78
C GLY B 334 21.64 -19.12 -22.43
N LEU B 335 22.23 -20.01 -21.62
CA LEU B 335 23.31 -20.90 -21.99
C LEU B 335 22.90 -22.25 -21.47
N VAL B 336 22.93 -23.30 -22.32
CA VAL B 336 22.55 -24.64 -21.87
C VAL B 336 23.58 -25.12 -20.86
N SER B 337 23.16 -25.13 -19.59
CA SER B 337 23.98 -25.50 -18.45
C SER B 337 23.79 -26.98 -18.09
N TRP B 338 22.74 -27.33 -17.34
CA TRP B 338 22.54 -28.68 -16.85
C TRP B 338 21.05 -29.00 -16.81
N GLY B 339 20.71 -30.22 -16.35
CA GLY B 339 19.31 -30.64 -16.34
C GLY B 339 19.09 -31.84 -15.45
N PRO B 340 17.97 -31.89 -14.68
CA PRO B 340 17.68 -33.05 -13.84
C PRO B 340 17.46 -34.35 -14.63
N GLN B 341 16.86 -34.21 -15.83
CA GLN B 341 16.52 -35.34 -16.68
C GLN B 341 16.14 -34.90 -18.09
N CYS B 342 16.77 -35.56 -19.07
CA CYS B 342 16.54 -35.28 -20.47
C CYS B 342 15.03 -35.37 -20.74
N GLY B 343 14.51 -34.35 -21.42
CA GLY B 343 13.12 -34.29 -21.83
C GLY B 343 12.18 -33.83 -20.72
N THR B 344 12.72 -33.15 -19.70
CA THR B 344 11.87 -32.58 -18.66
C THR B 344 11.90 -31.06 -18.71
N TYR B 345 12.59 -30.42 -17.74
CA TYR B 345 12.89 -29.00 -17.74
C TYR B 345 14.38 -28.79 -17.51
N GLY B 346 14.98 -27.77 -18.14
CA GLY B 346 16.42 -27.61 -18.07
C GLY B 346 16.88 -26.28 -17.48
N LEU B 347 18.12 -26.24 -17.04
CA LEU B 347 18.65 -25.03 -16.45
C LEU B 347 19.62 -24.33 -17.43
N TYR B 348 19.49 -23.01 -17.52
CA TYR B 348 20.28 -22.21 -18.46
C TYR B 348 20.98 -21.11 -17.68
N THR B 349 22.28 -20.90 -17.92
CA THR B 349 22.96 -19.77 -17.30
C THR B 349 22.28 -18.51 -17.78
N ARG B 350 21.91 -17.65 -16.81
CA ARG B 350 21.17 -16.42 -17.04
C ARG B 350 22.18 -15.37 -17.50
N VAL B 351 22.28 -15.22 -18.83
CA VAL B 351 23.36 -14.47 -19.43
C VAL B 351 23.32 -13.04 -18.91
N LYS B 352 22.13 -12.46 -18.74
CA LYS B 352 22.00 -11.06 -18.30
C LYS B 352 22.88 -10.72 -17.08
N ASN B 353 22.96 -11.62 -16.09
CA ASN B 353 23.77 -11.43 -14.91
C ASN B 353 25.27 -11.32 -15.22
N TYR B 354 25.68 -11.63 -16.45
CA TYR B 354 27.09 -11.82 -16.76
C TYR B 354 27.55 -10.83 -17.82
N VAL B 355 26.66 -9.92 -18.22
CA VAL B 355 26.93 -8.97 -19.29
C VAL B 355 28.13 -8.11 -18.90
N ASP B 356 28.15 -7.66 -17.64
CA ASP B 356 29.24 -6.80 -17.21
C ASP B 356 30.56 -7.51 -17.40
N TRP B 357 30.61 -8.75 -16.86
CA TRP B 357 31.80 -9.59 -16.89
C TRP B 357 32.27 -9.89 -18.32
N ILE B 358 31.31 -10.24 -19.19
CA ILE B 358 31.57 -10.44 -20.61
C ILE B 358 32.27 -9.18 -21.14
N MET B 359 31.63 -8.02 -20.97
CA MET B 359 32.13 -6.80 -21.60
C MET B 359 33.54 -6.56 -21.11
N LYS B 360 33.69 -6.62 -19.77
CA LYS B 360 34.95 -6.35 -19.10
C LYS B 360 36.06 -7.27 -19.62
N THR B 361 35.75 -8.57 -19.75
CA THR B 361 36.73 -9.55 -20.22
C THR B 361 37.15 -9.20 -21.65
N MET B 362 36.22 -8.72 -22.46
CA MET B 362 36.53 -8.50 -23.86
C MET B 362 37.34 -7.21 -24.03
N GLN B 363 36.97 -6.16 -23.29
CA GLN B 363 37.72 -4.90 -23.29
C GLN B 363 39.17 -5.18 -22.90
N GLU B 364 39.36 -6.03 -21.88
CA GLU B 364 40.66 -6.21 -21.23
C GLU B 364 41.57 -7.13 -22.05
N ASN B 365 41.03 -7.74 -23.12
CA ASN B 365 41.77 -8.76 -23.85
C ASN B 365 41.70 -8.47 -25.34
N SER B 366 42.52 -7.50 -25.81
CA SER B 366 42.63 -7.15 -27.22
C SER B 366 44.00 -6.49 -27.48
N ILE C 48 34.76 33.74 -7.17
CA ILE C 48 34.09 33.01 -6.04
C ILE C 48 33.25 33.98 -5.23
N GLU C 49 32.10 33.49 -4.73
CA GLU C 49 31.10 34.30 -4.05
C GLU C 49 31.68 34.85 -2.73
N ASN C 50 31.46 36.16 -2.53
CA ASN C 50 31.79 36.87 -1.29
C ASN C 50 33.31 37.06 -1.19
N GLU C 70 36.77 38.09 1.96
CA GLU C 70 35.88 39.13 2.54
C GLU C 70 35.82 38.93 4.06
N GLU C 71 35.68 40.03 4.81
CA GLU C 71 35.77 40.00 6.27
C GLU C 71 35.01 41.17 6.87
N PRO C 72 34.49 41.13 8.12
CA PRO C 72 34.69 40.04 9.07
C PRO C 72 33.45 39.17 9.11
N TYR C 73 32.67 39.25 8.03
CA TYR C 73 31.41 38.55 7.88
C TYR C 73 31.62 37.22 7.16
N TYR C 74 32.62 37.16 6.28
CA TYR C 74 32.91 35.89 5.61
C TYR C 74 34.28 35.36 6.06
N TYR C 75 34.54 34.08 5.75
CA TYR C 75 35.80 33.41 6.09
C TYR C 75 35.91 32.11 5.27
N CYS C 104 34.50 31.04 0.53
CA CYS C 104 34.14 32.23 1.36
C CYS C 104 32.75 32.02 1.97
N VAL C 105 32.71 31.53 3.22
CA VAL C 105 31.46 31.16 3.89
C VAL C 105 31.17 32.11 5.05
N PRO C 106 29.89 32.26 5.44
CA PRO C 106 29.48 33.16 6.53
C PRO C 106 30.11 32.86 7.89
N VAL C 107 30.30 33.92 8.70
CA VAL C 107 30.77 33.80 10.07
C VAL C 107 29.57 33.75 10.99
N CYS C 108 29.42 32.64 11.72
CA CYS C 108 28.30 32.46 12.64
C CYS C 108 28.73 32.85 14.05
N GLY C 109 27.81 33.49 14.78
CA GLY C 109 27.86 33.60 16.23
C GLY C 109 28.26 34.98 16.75
N VAL C 110 28.88 35.81 15.90
CA VAL C 110 29.54 37.02 16.35
C VAL C 110 28.65 38.22 16.06
N PRO C 111 28.01 38.81 17.09
CA PRO C 111 27.21 40.03 16.90
C PRO C 111 28.13 41.22 16.72
N ARG C 112 27.68 42.21 15.94
CA ARG C 112 28.50 43.38 15.65
C ARG C 112 28.69 44.20 16.92
N GLU C 113 27.60 44.45 17.63
CA GLU C 113 27.63 45.04 18.96
C GLU C 113 26.99 44.05 19.91
N PRO C 114 27.64 43.70 21.06
CA PRO C 114 27.05 42.78 22.03
C PRO C 114 25.88 43.43 22.77
N PHE C 115 24.93 42.60 23.22
CA PHE C 115 23.74 43.09 23.87
C PHE C 115 24.05 43.59 25.28
N GLU C 116 23.32 44.64 25.68
CA GLU C 116 23.51 45.29 26.97
C GLU C 116 22.15 45.63 27.56
N GLU C 117 21.75 44.85 28.57
CA GLU C 117 20.52 45.16 29.30
C GLU C 117 20.81 46.28 30.31
N ILE C 121 8.91 39.30 25.00
CA ILE C 121 9.92 39.14 26.09
C ILE C 121 9.40 39.83 27.33
N ILE C 122 9.35 39.11 28.46
CA ILE C 122 8.94 39.67 29.72
C ILE C 122 10.20 39.95 30.54
N GLY C 123 10.27 41.16 31.13
CA GLY C 123 11.33 41.55 32.04
C GLY C 123 12.64 41.75 31.31
N GLY C 124 12.54 42.19 30.06
CA GLY C 124 13.69 42.34 29.19
C GLY C 124 13.87 43.81 28.89
N SER C 125 14.87 44.14 28.07
CA SER C 125 15.09 45.52 27.66
C SER C 125 15.16 45.59 26.13
N ASP C 126 15.16 46.82 25.59
CA ASP C 126 15.35 47.07 24.18
C ASP C 126 16.66 46.42 23.74
N ALA C 127 16.69 46.03 22.47
CA ALA C 127 17.91 45.57 21.83
C ALA C 127 17.87 45.99 20.36
N ASP C 128 19.05 46.20 19.81
CA ASP C 128 19.20 46.50 18.39
C ASP C 128 19.34 45.17 17.65
N ILE C 129 18.88 45.16 16.40
CA ILE C 129 19.05 44.01 15.52
C ILE C 129 20.53 43.65 15.47
N LYS C 130 21.40 44.64 15.62
CA LYS C 130 22.83 44.41 15.59
C LYS C 130 23.27 43.48 16.73
N ASN C 131 22.47 43.38 17.79
CA ASN C 131 22.85 42.59 18.96
C ASN C 131 22.45 41.14 18.74
N PHE C 132 21.49 40.95 17.83
CA PHE C 132 20.95 39.65 17.49
C PHE C 132 20.80 39.57 15.98
N PRO C 133 21.93 39.49 15.22
CA PRO C 133 21.86 39.59 13.75
C PRO C 133 21.17 38.40 13.08
N TRP C 134 21.03 37.32 13.86
CA TRP C 134 20.47 36.05 13.41
C TRP C 134 18.96 36.06 13.57
N GLN C 135 18.42 37.12 14.18
CA GLN C 135 17.01 37.14 14.51
C GLN C 135 16.18 37.37 13.26
N VAL C 136 15.30 36.40 12.96
CA VAL C 136 14.40 36.43 11.81
C VAL C 136 13.00 36.75 12.32
N PHE C 137 12.26 37.66 11.65
CA PHE C 137 10.89 37.94 12.06
C PHE C 137 9.88 37.22 11.18
N PHE C 138 8.91 36.57 11.80
CA PHE C 138 7.85 35.97 11.03
C PHE C 138 6.57 36.78 11.26
N ASP C 139 5.86 37.05 10.17
CA ASP C 139 4.71 37.93 10.18
C ASP C 139 3.40 37.14 10.34
N ASN C 140 3.22 36.07 9.54
CA ASN C 140 2.08 35.15 9.66
C ASN C 140 2.57 33.92 10.42
N PRO C 141 1.84 33.49 11.47
CA PRO C 141 2.20 33.73 12.87
C PRO C 141 3.25 34.81 13.15
N TRP C 142 2.86 35.79 13.99
CA TRP C 142 3.80 36.72 14.59
C TRP C 142 4.75 35.92 15.47
N ALA C 143 5.99 35.73 14.99
CA ALA C 143 6.92 34.80 15.60
C ALA C 143 8.34 35.16 15.19
N GLY C 144 9.32 34.42 15.68
CA GLY C 144 10.70 34.63 15.30
C GLY C 144 11.35 33.35 14.79
N GLY C 145 12.62 33.49 14.35
CA GLY C 145 13.48 32.38 13.98
C GLY C 145 14.95 32.80 14.00
N ALA C 146 15.83 31.81 13.76
CA ALA C 146 17.28 32.00 13.76
C ALA C 146 17.90 31.58 12.42
N LEU C 147 18.56 32.54 11.76
CA LEU C 147 19.34 32.27 10.56
C LEU C 147 20.59 31.46 10.94
N ILE C 148 20.82 30.33 10.25
CA ILE C 148 21.87 29.41 10.65
C ILE C 148 22.89 29.22 9.52
N ASN C 149 22.46 29.45 8.28
CA ASN C 149 23.35 29.71 7.15
C ASN C 149 22.57 30.52 6.10
N GLU C 150 23.20 30.74 4.93
CA GLU C 150 22.69 31.65 3.92
C GLU C 150 21.52 31.05 3.13
N TYR C 151 21.13 29.80 3.46
CA TYR C 151 20.02 29.15 2.78
C TYR C 151 18.98 28.59 3.74
N TRP C 152 19.23 28.68 5.05
CA TRP C 152 18.41 28.02 6.05
C TRP C 152 18.08 28.90 7.26
N VAL C 153 16.78 29.03 7.56
CA VAL C 153 16.26 29.63 8.79
C VAL C 153 15.72 28.50 9.65
N LEU C 154 16.17 28.43 10.91
CA LEU C 154 15.68 27.46 11.88
C LEU C 154 14.60 28.16 12.69
N THR C 155 13.59 27.42 13.15
CA THR C 155 12.46 27.98 13.90
C THR C 155 11.69 26.86 14.60
N ALA C 156 10.64 27.23 15.36
CA ALA C 156 9.79 26.27 16.05
C ALA C 156 8.82 25.63 15.06
N ALA C 157 8.54 24.34 15.24
CA ALA C 157 7.65 23.67 14.30
C ALA C 157 6.29 24.36 14.32
N HIS C 158 5.89 24.84 15.50
CA HIS C 158 4.52 25.29 15.73
C HIS C 158 4.31 26.63 15.03
N VAL C 159 5.43 27.29 14.74
CA VAL C 159 5.36 28.51 13.99
C VAL C 159 4.92 28.19 12.57
N VAL C 160 5.52 27.16 11.97
CA VAL C 160 5.33 26.94 10.54
C VAL C 160 4.27 25.89 10.28
N GLU C 161 3.86 25.12 11.30
CA GLU C 161 2.90 24.04 11.10
C GLU C 161 1.81 24.46 10.12
N GLY C 162 1.22 25.63 10.36
CA GLY C 162 0.02 26.11 9.67
C GLY C 162 0.30 27.24 8.67
N ASN C 163 1.59 27.45 8.36
CA ASN C 163 2.02 28.29 7.26
C ASN C 163 3.28 27.71 6.62
N ARG C 164 3.10 27.03 5.50
CA ARG C 164 4.20 26.32 4.84
C ARG C 164 4.97 27.26 3.91
N GLU C 165 4.46 28.49 3.72
CA GLU C 165 5.12 29.47 2.87
C GLU C 165 5.24 30.76 3.68
N PRO C 166 6.04 30.76 4.77
CA PRO C 166 6.04 31.87 5.72
C PRO C 166 6.74 33.11 5.19
N THR C 167 6.18 34.28 5.52
CA THR C 167 6.82 35.55 5.21
C THR C 167 7.86 35.84 6.30
N MET C 168 9.12 36.09 5.92
CA MET C 168 10.17 36.29 6.91
C MET C 168 10.92 37.60 6.63
N TYR C 169 11.26 38.34 7.70
CA TYR C 169 12.07 39.55 7.57
C TYR C 169 13.35 39.46 8.38
N VAL C 170 14.40 40.12 7.89
CA VAL C 170 15.67 40.21 8.59
C VAL C 170 16.17 41.66 8.62
N GLY C 171 17.14 41.94 9.52
CA GLY C 171 18.01 43.11 9.48
C GLY C 171 17.33 44.43 9.89
N SER C 172 16.31 44.35 10.74
CA SER C 172 15.60 45.52 11.22
C SER C 172 15.29 45.34 12.69
N THR C 173 15.47 46.41 13.48
CA THR C 173 15.08 46.42 14.87
C THR C 173 13.58 46.64 14.97
N SER C 174 13.05 47.39 14.01
CA SER C 174 11.64 47.76 14.01
C SER C 174 10.86 46.74 13.20
N VAL C 175 9.59 46.56 13.58
CA VAL C 175 8.78 45.49 13.04
C VAL C 175 7.46 46.09 12.52
N GLN C 176 7.29 47.40 12.74
CA GLN C 176 6.29 48.20 12.05
C GLN C 176 6.71 48.35 10.59
N THR C 177 5.74 48.54 9.70
CA THR C 177 5.99 48.52 8.27
C THR C 177 7.33 49.22 7.92
N LYS C 184 14.35 44.02 4.37
CA LYS C 184 14.83 42.84 3.59
C LYS C 184 13.97 41.64 3.94
N MET C 185 13.38 41.03 2.90
CA MET C 185 12.46 39.90 3.07
C MET C 185 13.07 38.63 2.48
N LEU C 186 12.83 37.49 3.13
CA LEU C 186 13.28 36.18 2.67
C LEU C 186 12.10 35.41 2.08
N THR C 187 12.25 34.91 0.86
CA THR C 187 11.26 34.00 0.28
C THR C 187 11.62 32.57 0.66
N PRO C 188 10.65 31.76 1.13
CA PRO C 188 10.91 30.36 1.47
C PRO C 188 10.64 29.41 0.30
N GLU C 189 11.54 28.42 0.14
CA GLU C 189 11.46 27.39 -0.88
C GLU C 189 10.70 26.18 -0.32
N HIS C 190 11.23 25.60 0.76
CA HIS C 190 10.57 24.47 1.39
C HIS C 190 10.60 24.66 2.89
N VAL C 191 9.63 24.03 3.56
CA VAL C 191 9.57 23.99 5.01
C VAL C 191 9.69 22.55 5.47
N PHE C 192 10.60 22.33 6.42
CA PHE C 192 10.89 20.99 6.90
C PHE C 192 10.46 20.85 8.36
N ILE C 193 9.30 20.24 8.61
CA ILE C 193 8.95 19.96 10.00
C ILE C 193 9.55 18.62 10.42
N HIS C 194 10.12 18.59 11.64
CA HIS C 194 10.61 17.34 12.20
C HIS C 194 9.49 16.30 12.20
N PRO C 195 9.78 15.07 11.74
CA PRO C 195 8.73 14.05 11.61
C PRO C 195 8.25 13.63 12.99
N GLY C 196 9.06 13.92 14.01
CA GLY C 196 8.68 13.63 15.37
C GLY C 196 7.52 14.51 15.85
N TRP C 197 7.22 15.58 15.09
CA TRP C 197 6.28 16.61 15.51
C TRP C 197 4.85 16.15 15.29
N LYS C 198 4.06 16.21 16.38
CA LYS C 198 2.68 15.75 16.27
C LYS C 198 1.82 16.84 15.61
N LEU C 199 1.21 16.49 14.45
CA LEU C 199 0.29 17.35 13.73
C LEU C 199 -1.10 17.26 14.39
N LEU C 200 -1.76 18.41 14.58
CA LEU C 200 -3.07 18.51 15.23
C LEU C 200 -4.03 19.29 14.34
N ALA C 201 -5.30 18.86 14.36
CA ALA C 201 -6.40 19.60 13.76
C ALA C 201 -6.61 20.95 14.46
N VAL C 202 -6.73 20.95 15.80
CA VAL C 202 -6.93 22.19 16.55
C VAL C 202 -5.60 22.62 17.14
N PRO C 203 -4.93 23.67 16.62
CA PRO C 203 -3.61 24.06 17.10
C PRO C 203 -3.60 24.41 18.57
N GLU C 204 -4.59 25.21 18.99
CA GLU C 204 -4.48 25.78 20.33
C GLU C 204 -4.67 24.71 21.40
N GLY C 205 -5.12 23.50 21.00
CA GLY C 205 -5.25 22.37 21.91
C GLY C 205 -3.94 21.65 22.26
N ARG C 206 -2.79 22.11 21.73
CA ARG C 206 -1.56 21.35 21.87
C ARG C 206 -1.11 21.30 23.33
N THR C 207 -0.82 20.09 23.80
CA THR C 207 -0.24 19.86 25.10
C THR C 207 1.03 19.03 24.97
N ASN C 208 1.41 18.74 23.72
CA ASN C 208 2.65 18.03 23.41
C ASN C 208 3.47 18.83 22.41
N PHE C 209 4.58 19.41 22.88
CA PHE C 209 5.44 20.26 22.04
C PHE C 209 6.77 19.58 21.77
N ASP C 210 6.82 18.27 22.02
CA ASP C 210 7.99 17.46 21.72
C ASP C 210 8.38 17.64 20.25
N ASN C 211 9.68 17.79 20.01
CA ASN C 211 10.22 17.91 18.65
C ASN C 211 9.78 19.20 17.94
N ASP C 212 9.80 20.33 18.67
CA ASP C 212 9.24 21.59 18.21
C ASP C 212 10.27 22.32 17.36
N ILE C 213 10.59 21.72 16.22
CA ILE C 213 11.68 22.26 15.44
C ILE C 213 11.40 22.04 13.96
N ALA C 214 11.72 23.04 13.14
CA ALA C 214 11.52 23.00 11.71
C ALA C 214 12.61 23.85 11.04
N LEU C 215 12.84 23.56 9.74
CA LEU C 215 13.83 24.24 8.94
C LEU C 215 13.13 24.88 7.76
N VAL C 216 13.59 26.07 7.38
CA VAL C 216 13.09 26.73 6.19
C VAL C 216 14.26 26.97 5.24
N ARG C 217 14.29 26.23 4.12
CA ARG C 217 15.23 26.54 3.04
C ARG C 217 14.74 27.79 2.31
N LEU C 218 15.63 28.76 2.18
CA LEU C 218 15.35 29.98 1.44
C LEU C 218 15.54 29.72 -0.05
N LYS C 219 15.01 30.63 -0.89
CA LYS C 219 15.18 30.55 -2.33
C LYS C 219 16.52 31.17 -2.75
N ASP C 220 16.84 32.35 -2.20
CA ASP C 220 18.03 33.11 -2.58
C ASP C 220 18.98 33.19 -1.39
N PRO C 221 20.32 33.11 -1.62
CA PRO C 221 21.25 33.11 -0.48
C PRO C 221 21.11 34.45 0.23
N VAL C 222 21.24 34.46 1.56
CA VAL C 222 21.14 35.71 2.30
C VAL C 222 22.49 36.44 2.32
N LYS C 223 22.43 37.77 2.12
CA LYS C 223 23.59 38.63 2.16
C LYS C 223 23.84 39.10 3.60
N MET C 224 25.07 38.85 4.09
CA MET C 224 25.46 39.10 5.48
C MET C 224 26.10 40.48 5.60
N GLY C 225 26.04 41.04 6.82
CA GLY C 225 26.47 42.41 7.11
C GLY C 225 26.24 42.75 8.58
N PRO C 226 26.29 44.05 8.97
CA PRO C 226 26.10 44.45 10.37
C PRO C 226 24.79 44.03 11.01
N THR C 227 23.77 43.78 10.17
CA THR C 227 22.40 43.58 10.64
C THR C 227 21.89 42.16 10.36
N VAL C 228 22.65 41.36 9.60
CA VAL C 228 22.17 40.05 9.19
C VAL C 228 23.33 39.06 9.12
N SER C 229 23.40 38.13 10.07
CA SER C 229 24.37 37.04 10.01
C SER C 229 23.85 35.82 10.77
N PRO C 230 24.40 34.61 10.52
CA PRO C 230 23.93 33.40 11.20
C PRO C 230 24.34 33.32 12.68
N ILE C 231 23.63 32.47 13.41
CA ILE C 231 24.10 31.96 14.69
C ILE C 231 24.72 30.59 14.45
N CYS C 232 25.56 30.14 15.38
CA CYS C 232 26.22 28.85 15.23
C CYS C 232 25.29 27.76 15.75
N LEU C 233 25.65 26.50 15.48
CA LEU C 233 24.90 25.34 15.95
C LEU C 233 25.69 24.63 17.06
N PRO C 234 25.04 23.98 18.04
CA PRO C 234 25.75 23.13 18.98
C PRO C 234 26.49 22.02 18.24
N GLY C 235 27.57 21.53 18.86
CA GLY C 235 28.16 20.26 18.48
C GLY C 235 27.42 19.14 19.19
N THR C 236 27.85 17.88 18.98
CA THR C 236 27.25 16.73 19.66
C THR C 236 28.25 16.11 20.64
N SER C 237 29.29 16.89 20.98
CA SER C 237 30.16 16.59 22.10
C SER C 237 29.44 16.88 23.42
N SER C 238 29.97 16.30 24.50
CA SER C 238 29.37 16.48 25.82
C SER C 238 29.64 17.87 26.38
N ASP C 239 30.47 18.67 25.68
CA ASP C 239 30.75 20.03 26.08
C ASP C 239 29.47 20.87 26.03
N TYR C 240 28.48 20.37 25.27
CA TYR C 240 27.34 21.13 24.82
C TYR C 240 26.07 20.75 25.59
N ASN C 241 26.20 19.76 26.49
CA ASN C 241 25.18 19.45 27.47
C ASN C 241 25.01 20.65 28.39
N LEU C 242 23.81 21.25 28.37
CA LEU C 242 23.56 22.39 29.23
C LEU C 242 23.57 21.97 30.70
N MET C 243 23.83 22.92 31.60
CA MET C 243 23.83 22.61 33.02
C MET C 243 23.13 23.72 33.80
N ASP C 244 22.41 23.31 34.86
CA ASP C 244 21.58 24.22 35.65
C ASP C 244 22.41 25.45 35.99
N GLY C 245 21.95 26.62 35.54
CA GLY C 245 22.71 27.82 35.78
C GLY C 245 23.19 28.49 34.50
N ASP C 246 23.50 27.69 33.47
CA ASP C 246 24.00 28.19 32.19
C ASP C 246 23.19 29.40 31.72
N LEU C 247 23.92 30.47 31.36
CA LEU C 247 23.31 31.73 30.95
C LEU C 247 23.17 31.81 29.43
N GLY C 248 22.02 32.30 28.97
CA GLY C 248 21.82 32.55 27.55
C GLY C 248 20.80 33.62 27.27
N LEU C 249 20.65 33.97 25.98
CA LEU C 249 19.87 35.13 25.58
C LEU C 249 18.66 34.73 24.74
N ILE C 250 17.52 35.34 25.06
CA ILE C 250 16.31 35.22 24.27
C ILE C 250 16.02 36.59 23.66
N SER C 251 15.35 36.61 22.52
CA SER C 251 15.12 37.85 21.81
C SER C 251 13.86 37.70 20.97
N GLY C 252 13.10 38.80 20.78
CA GLY C 252 11.94 38.78 19.90
C GLY C 252 10.98 39.96 20.08
N TRP C 253 9.94 39.95 19.24
CA TRP C 253 8.91 40.98 19.20
C TRP C 253 7.63 40.49 19.89
N GLY C 254 7.81 39.55 20.83
CA GLY C 254 6.71 38.97 21.58
C GLY C 254 6.12 39.90 22.63
N ARG C 255 5.17 39.35 23.42
CA ARG C 255 4.42 40.02 24.46
C ARG C 255 5.38 40.53 25.53
N THR C 256 5.21 41.82 25.89
CA THR C 256 5.88 42.46 27.01
C THR C 256 4.90 42.67 28.16
N GLU C 257 5.35 43.35 29.22
CA GLU C 257 4.49 43.70 30.33
C GLU C 257 3.57 44.85 29.91
N LYS C 258 3.95 45.55 28.83
CA LYS C 258 3.28 46.75 28.37
C LYS C 258 2.34 46.42 27.21
N ARG C 259 2.77 45.54 26.30
CA ARG C 259 2.10 45.36 25.02
C ARG C 259 1.80 43.88 24.76
N ASP C 260 0.85 43.65 23.84
CA ASP C 260 0.63 42.35 23.25
C ASP C 260 1.79 42.01 22.32
N ARG C 261 2.19 42.97 21.49
CA ARG C 261 3.32 42.82 20.57
C ARG C 261 4.30 43.95 20.83
N ALA C 262 5.59 43.65 20.93
CA ALA C 262 6.61 44.68 20.89
C ALA C 262 6.83 45.13 19.44
N VAL C 263 7.03 46.44 19.26
CA VAL C 263 7.27 47.02 17.95
C VAL C 263 8.77 47.17 17.72
N ARG C 264 9.57 47.23 18.79
CA ARG C 264 11.02 47.19 18.70
C ARG C 264 11.53 45.87 19.28
N LEU C 265 12.68 45.38 18.79
CA LEU C 265 13.23 44.13 19.32
C LEU C 265 13.57 44.31 20.79
N LYS C 266 13.36 43.25 21.57
CA LYS C 266 13.65 43.21 22.99
C LYS C 266 14.40 41.92 23.29
N ALA C 267 15.19 41.93 24.36
CA ALA C 267 15.99 40.77 24.73
C ALA C 267 16.12 40.64 26.26
N ALA C 268 16.70 39.51 26.68
CA ALA C 268 16.90 39.23 28.08
C ALA C 268 17.94 38.13 28.26
N ARG C 269 18.61 38.15 29.41
CA ARG C 269 19.53 37.10 29.82
C ARG C 269 18.82 36.21 30.82
N LEU C 270 19.01 34.89 30.68
CA LEU C 270 18.22 33.87 31.34
C LEU C 270 19.10 32.70 31.75
N PRO C 271 18.95 32.18 32.99
CA PRO C 271 19.62 30.92 33.36
C PRO C 271 18.78 29.68 33.04
N VAL C 272 19.50 28.62 32.65
CA VAL C 272 18.87 27.32 32.51
C VAL C 272 18.47 26.87 33.91
N ALA C 273 17.28 26.25 34.02
CA ALA C 273 16.76 25.72 35.27
C ALA C 273 16.53 24.22 35.15
N PRO C 274 16.36 23.47 36.27
CA PRO C 274 15.94 22.07 36.17
C PRO C 274 14.47 21.97 35.76
N LEU C 275 14.18 20.96 34.93
CA LEU C 275 12.88 20.66 34.38
C LEU C 275 11.76 20.73 35.43
N ARG C 276 12.07 20.34 36.68
CA ARG C 276 11.10 20.31 37.75
C ARG C 276 10.51 21.70 38.01
N LYS C 277 11.32 22.74 37.77
CA LYS C 277 10.87 24.13 37.93
C LYS C 277 9.71 24.44 37.00
N CYS C 278 9.79 23.96 35.74
CA CYS C 278 8.76 24.23 34.74
C CYS C 278 7.48 23.44 35.07
N LYS C 279 7.65 22.21 35.57
CA LYS C 279 6.52 21.37 35.94
C LYS C 279 5.74 22.00 37.08
N GLU C 280 6.45 22.75 37.93
CA GLU C 280 5.90 23.26 39.18
C GLU C 280 4.92 24.43 38.93
N VAL C 281 5.01 25.10 37.77
CA VAL C 281 4.18 26.28 37.54
C VAL C 281 2.74 25.86 37.23
N LYS C 282 1.81 26.30 38.09
CA LYS C 282 0.39 26.03 37.93
C LYS C 282 -0.04 26.55 36.56
N VAL C 283 -0.80 25.75 35.82
CA VAL C 283 -0.97 25.95 34.40
C VAL C 283 -2.41 25.71 34.00
N GLU C 284 -2.88 26.52 33.04
CA GLU C 284 -4.26 26.42 32.59
C GLU C 284 -4.32 25.49 31.38
N LYS C 285 -5.26 24.54 31.43
CA LYS C 285 -5.54 23.65 30.32
C LYS C 285 -5.89 24.48 29.08
N PRO C 286 -5.14 24.34 27.96
CA PRO C 286 -5.37 25.19 26.78
C PRO C 286 -6.79 25.02 26.25
N THR C 287 -7.40 23.87 26.55
CA THR C 287 -8.71 23.52 26.05
C THR C 287 -9.41 22.68 27.11
N ALA C 288 -10.75 22.70 27.10
CA ALA C 288 -11.55 22.14 28.17
C ALA C 288 -11.30 20.63 28.30
N ASP C 289 -10.81 20.04 27.20
CA ASP C 289 -10.69 18.60 27.05
C ASP C 289 -9.21 18.21 26.95
N ALA C 290 -8.32 19.20 27.03
CA ALA C 290 -6.88 19.00 27.09
C ALA C 290 -6.53 17.93 28.12
N GLU C 291 -5.50 17.13 27.81
CA GLU C 291 -4.83 16.27 28.77
C GLU C 291 -3.62 17.06 29.30
N ALA C 292 -2.79 16.48 30.18
CA ALA C 292 -1.73 17.27 30.81
C ALA C 292 -0.60 17.54 29.83
N TYR C 293 0.14 18.64 30.04
CA TYR C 293 1.26 19.04 29.20
C TYR C 293 2.38 17.99 29.28
N VAL C 294 3.09 17.79 28.15
CA VAL C 294 4.10 16.75 28.07
C VAL C 294 5.46 17.40 28.27
N PHE C 295 6.29 16.80 29.14
CA PHE C 295 7.66 17.25 29.36
C PHE C 295 8.63 16.18 28.87
N THR C 296 9.59 16.54 28.02
CA THR C 296 10.45 15.49 27.47
C THR C 296 11.89 15.95 27.64
N PRO C 297 12.88 15.03 27.55
CA PRO C 297 14.29 15.41 27.43
C PRO C 297 14.63 16.30 26.25
N ASN C 298 13.66 16.60 25.38
CA ASN C 298 13.93 17.42 24.22
C ASN C 298 13.57 18.89 24.50
N MET C 299 13.18 19.20 25.74
CA MET C 299 12.90 20.57 26.16
C MET C 299 13.89 21.03 27.23
N ILE C 300 14.40 22.27 27.09
CA ILE C 300 15.23 22.93 28.10
C ILE C 300 14.35 23.90 28.86
N CYS C 301 14.30 23.73 30.19
CA CYS C 301 13.66 24.70 31.08
C CYS C 301 14.64 25.82 31.39
N ALA C 302 14.17 27.09 31.29
CA ALA C 302 14.99 28.26 31.56
C ALA C 302 14.11 29.38 32.10
N GLY C 303 14.69 30.20 32.99
CA GLY C 303 13.97 31.30 33.62
C GLY C 303 14.35 31.49 35.09
N GLY C 304 13.46 32.13 35.84
CA GLY C 304 13.57 32.18 37.29
C GLY C 304 13.71 33.61 37.80
N GLU C 305 14.94 34.13 37.69
CA GLU C 305 15.38 35.37 38.32
C GLU C 305 14.65 36.57 37.71
N LYS C 306 13.99 37.35 38.59
CA LYS C 306 13.41 38.66 38.29
C LYS C 306 12.27 38.54 37.29
N GLY C 307 11.83 37.31 37.04
CA GLY C 307 10.67 37.03 36.22
C GLY C 307 10.89 37.36 34.74
N MET C 308 12.07 36.99 34.23
CA MET C 308 12.37 37.25 32.83
C MET C 308 12.10 35.98 32.03
N ASP C 309 11.40 36.12 30.90
CA ASP C 309 10.82 35.01 30.18
C ASP C 309 10.65 35.39 28.71
N SER C 310 10.30 34.40 27.87
CA SER C 310 9.76 34.64 26.54
C SER C 310 8.25 34.44 26.60
N CYS C 311 7.56 34.75 25.49
CA CYS C 311 6.10 34.61 25.51
C CYS C 311 5.59 34.47 24.09
N LYS C 312 4.26 34.30 23.97
CA LYS C 312 3.56 34.38 22.71
C LYS C 312 4.17 35.53 21.89
N GLY C 313 4.44 35.26 20.60
CA GLY C 313 5.10 36.18 19.69
C GLY C 313 6.62 35.98 19.66
N ASP C 314 7.16 35.24 20.63
CA ASP C 314 8.62 35.13 20.73
C ASP C 314 9.09 33.77 20.23
N SER C 315 8.13 32.90 19.90
CA SER C 315 8.42 31.53 19.53
C SER C 315 9.24 31.49 18.25
N GLY C 316 10.14 30.51 18.19
CA GLY C 316 10.99 30.31 17.03
C GLY C 316 12.39 30.87 17.25
N GLY C 317 12.47 31.90 18.10
CA GLY C 317 13.73 32.56 18.38
C GLY C 317 14.74 31.60 19.02
N ALA C 318 16.03 31.87 18.79
CA ALA C 318 17.10 31.16 19.45
C ALA C 318 17.18 31.57 20.92
N PHE C 319 17.47 30.57 21.78
CA PHE C 319 18.09 30.74 23.08
C PHE C 319 19.60 30.60 22.86
N ALA C 320 20.26 31.75 22.75
CA ALA C 320 21.67 31.86 22.36
C ALA C 320 22.58 31.73 23.58
N VAL C 321 23.56 30.83 23.46
CA VAL C 321 24.43 30.49 24.57
C VAL C 321 25.87 30.63 24.09
N GLN C 322 26.76 31.05 25.01
CA GLN C 322 28.16 31.21 24.70
C GLN C 322 28.73 29.84 24.33
N ASP C 323 29.40 29.77 23.18
CA ASP C 323 30.06 28.54 22.79
C ASP C 323 31.05 28.14 23.87
N PRO C 324 31.03 26.88 24.36
CA PRO C 324 32.01 26.44 25.36
C PRO C 324 33.45 26.66 24.92
N ASN C 325 33.73 26.46 23.62
CA ASN C 325 35.11 26.39 23.13
C ASN C 325 35.48 27.64 22.33
N ASP C 326 34.65 28.69 22.39
CA ASP C 326 34.95 29.95 21.72
C ASP C 326 34.02 31.03 22.26
N LYS C 327 34.55 31.86 23.17
CA LYS C 327 33.75 32.75 24.00
C LYS C 327 33.19 33.92 23.17
N THR C 328 33.68 34.09 21.95
CA THR C 328 33.28 35.22 21.12
C THR C 328 32.09 34.85 20.22
N LYS C 329 31.62 33.59 20.29
CA LYS C 329 30.58 33.08 19.40
C LYS C 329 29.37 32.64 20.21
N PHE C 330 28.17 32.92 19.69
CA PHE C 330 26.94 32.45 20.31
C PHE C 330 26.34 31.33 19.46
N TYR C 331 25.78 30.31 20.13
CA TYR C 331 25.16 29.18 19.44
C TYR C 331 23.71 28.99 19.88
N ALA C 332 22.88 28.52 18.94
CA ALA C 332 21.48 28.30 19.20
C ALA C 332 21.36 27.00 20.00
N ALA C 333 21.32 27.15 21.33
CA ALA C 333 21.14 26.08 22.29
C ALA C 333 19.69 25.61 22.24
N GLY C 334 18.78 26.60 22.19
CA GLY C 334 17.37 26.31 22.41
C GLY C 334 16.49 27.11 21.45
N LEU C 335 15.23 26.72 21.33
CA LEU C 335 14.30 27.50 20.52
C LEU C 335 13.05 27.71 21.33
N VAL C 336 12.48 28.92 21.26
CA VAL C 336 11.34 29.23 22.12
C VAL C 336 10.22 28.34 21.65
N SER C 337 9.71 27.47 22.55
CA SER C 337 8.65 26.53 22.21
C SER C 337 7.30 26.89 22.86
N TRP C 338 7.19 26.69 24.19
CA TRP C 338 5.94 26.91 24.89
C TRP C 338 6.33 27.20 26.34
N GLY C 339 5.34 27.60 27.15
CA GLY C 339 5.59 27.88 28.56
C GLY C 339 4.32 27.91 29.40
N PRO C 340 4.40 27.52 30.70
CA PRO C 340 3.22 27.37 31.57
C PRO C 340 2.52 28.68 31.96
N GLN C 341 3.31 29.75 32.14
CA GLN C 341 2.72 31.05 32.42
C GLN C 341 3.76 32.13 32.17
N CYS C 342 3.29 33.18 31.49
CA CYS C 342 4.17 34.19 30.94
C CYS C 342 4.89 34.90 32.08
N GLY C 343 6.22 34.78 32.12
CA GLY C 343 7.05 35.45 33.12
C GLY C 343 7.55 34.51 34.22
N THR C 344 7.43 33.19 34.02
CA THR C 344 7.83 32.25 35.05
C THR C 344 9.03 31.44 34.57
N TYR C 345 8.75 30.34 33.86
CA TYR C 345 9.79 29.57 33.19
C TYR C 345 9.29 29.18 31.80
N GLY C 346 10.23 28.98 30.87
CA GLY C 346 9.87 28.60 29.52
C GLY C 346 10.55 27.30 29.08
N LEU C 347 9.88 26.61 28.15
CA LEU C 347 10.46 25.42 27.54
C LEU C 347 11.00 25.79 26.16
N TYR C 348 12.24 25.37 25.93
CA TYR C 348 12.92 25.62 24.69
C TYR C 348 13.32 24.28 24.07
N THR C 349 13.20 24.18 22.74
CA THR C 349 13.68 22.98 22.05
C THR C 349 15.17 22.77 22.33
N ARG C 350 15.54 21.53 22.68
CA ARG C 350 16.95 21.20 22.91
C ARG C 350 17.67 20.95 21.58
N VAL C 351 18.30 21.99 21.04
CA VAL C 351 18.73 22.00 19.65
C VAL C 351 19.77 20.91 19.44
N LYS C 352 20.48 20.58 20.52
CA LYS C 352 21.59 19.63 20.47
C LYS C 352 21.09 18.27 20.00
N ASN C 353 19.86 17.92 20.38
CA ASN C 353 19.35 16.62 19.99
C ASN C 353 18.99 16.59 18.50
N TYR C 354 19.04 17.75 17.82
CA TYR C 354 18.48 17.86 16.48
C TYR C 354 19.61 18.14 15.49
N VAL C 355 20.85 18.12 15.98
CA VAL C 355 21.95 18.60 15.17
C VAL C 355 22.18 17.67 13.98
N ASP C 356 22.25 16.36 14.22
CA ASP C 356 22.34 15.41 13.11
C ASP C 356 21.29 15.70 12.04
N TRP C 357 20.01 15.74 12.47
CA TRP C 357 18.86 16.05 11.63
C TRP C 357 19.10 17.32 10.81
N ILE C 358 19.50 18.40 11.49
CA ILE C 358 19.72 19.64 10.79
C ILE C 358 20.70 19.38 9.65
N MET C 359 21.86 18.81 9.98
CA MET C 359 22.92 18.64 8.99
C MET C 359 22.45 17.70 7.88
N LYS C 360 21.72 16.64 8.26
CA LYS C 360 21.19 15.72 7.27
C LYS C 360 20.19 16.42 6.33
N THR C 361 19.33 17.30 6.87
CA THR C 361 18.32 17.99 6.09
C THR C 361 18.97 18.97 5.13
N MET C 362 20.00 19.65 5.62
CA MET C 362 20.72 20.64 4.85
C MET C 362 21.49 19.97 3.73
N GLN C 363 22.21 18.87 4.04
CA GLN C 363 22.99 18.11 3.09
C GLN C 363 22.09 17.59 1.98
N GLU C 364 20.94 17.03 2.37
CA GLU C 364 20.07 16.38 1.42
C GLU C 364 19.33 17.39 0.55
N ASN C 365 19.44 18.69 0.87
CA ASN C 365 18.59 19.66 0.21
C ASN C 365 19.42 20.89 -0.21
N SER C 366 20.21 20.74 -1.29
CA SER C 366 20.88 21.84 -1.97
C SER C 366 20.55 21.84 -3.47
N THR C 367 20.80 22.99 -4.13
CA THR C 367 20.34 23.27 -5.48
C THR C 367 18.82 23.40 -5.48
N ILE D 48 -56.54 -0.69 -17.69
CA ILE D 48 -56.25 -0.53 -16.22
C ILE D 48 -55.43 -1.72 -15.72
N GLU D 49 -54.41 -1.42 -14.90
CA GLU D 49 -53.49 -2.42 -14.37
C GLU D 49 -54.21 -3.29 -13.34
N ASN D 50 -54.12 -4.61 -13.53
CA ASN D 50 -54.56 -5.64 -12.59
C ASN D 50 -56.06 -5.93 -12.74
N CYS D 69 -60.99 -6.49 -11.31
CA CYS D 69 -59.62 -6.56 -10.71
C CYS D 69 -59.21 -8.02 -10.53
N GLU D 70 -57.91 -8.28 -10.64
CA GLU D 70 -57.34 -9.61 -10.48
C GLU D 70 -57.40 -10.03 -9.00
N TYR D 73 -56.37 -10.91 -4.69
CA TYR D 73 -55.09 -10.15 -4.57
C TYR D 73 -55.30 -8.64 -4.80
N TYR D 74 -56.10 -8.25 -5.80
CA TYR D 74 -56.31 -6.84 -6.08
C TYR D 74 -57.77 -6.45 -5.81
N TYR D 75 -58.01 -5.18 -5.52
CA TYR D 75 -59.36 -4.69 -5.25
C TYR D 75 -59.53 -3.29 -5.83
N MET D 76 -60.78 -2.96 -6.16
CA MET D 76 -61.15 -1.67 -6.73
C MET D 76 -61.14 -0.59 -5.64
N GLU D 77 -60.62 0.59 -6.00
CA GLU D 77 -60.54 1.70 -5.08
C GLU D 77 -61.36 2.87 -5.65
N LEU D 101 -61.79 5.82 -15.35
CA LEU D 101 -61.22 4.44 -15.38
C LEU D 101 -60.86 4.00 -13.97
N PRO D 102 -61.39 2.84 -13.48
CA PRO D 102 -61.14 2.39 -12.11
C PRO D 102 -59.68 2.04 -11.79
N LYS D 103 -59.39 1.74 -10.51
CA LYS D 103 -58.03 1.54 -10.04
C LYS D 103 -57.93 0.30 -9.14
N CYS D 104 -57.22 -0.72 -9.64
CA CYS D 104 -57.14 -2.03 -9.00
C CYS D 104 -55.84 -2.14 -8.20
N VAL D 105 -55.95 -2.01 -6.88
CA VAL D 105 -54.80 -1.90 -5.99
C VAL D 105 -54.64 -3.19 -5.18
N PRO D 106 -53.40 -3.51 -4.72
CA PRO D 106 -53.15 -4.70 -3.90
C PRO D 106 -53.90 -4.75 -2.58
N VAL D 107 -54.20 -5.98 -2.13
CA VAL D 107 -54.87 -6.26 -0.87
C VAL D 107 -53.79 -6.62 0.14
N CYS D 108 -53.62 -5.75 1.14
CA CYS D 108 -52.63 -5.90 2.18
C CYS D 108 -53.17 -6.82 3.29
N GLY D 109 -52.28 -7.63 3.87
CA GLY D 109 -52.44 -8.16 5.22
C GLY D 109 -53.13 -9.53 5.31
N VAL D 110 -53.53 -10.10 4.16
CA VAL D 110 -54.23 -11.38 4.17
C VAL D 110 -53.32 -12.43 3.56
N PRO D 111 -52.71 -13.34 4.37
CA PRO D 111 -51.88 -14.42 3.83
C PRO D 111 -52.78 -15.47 3.18
N ARG D 112 -52.25 -16.20 2.20
CA ARG D 112 -53.01 -17.23 1.51
C ARG D 112 -53.26 -18.42 2.42
N GLU D 113 -52.25 -18.78 3.23
CA GLU D 113 -52.39 -19.79 4.26
C GLU D 113 -51.89 -19.21 5.56
N PRO D 114 -52.68 -19.25 6.66
CA PRO D 114 -52.26 -18.69 7.94
C PRO D 114 -51.17 -19.56 8.54
N PHE D 115 -50.25 -18.92 9.28
CA PHE D 115 -49.22 -19.64 9.99
C PHE D 115 -49.84 -20.31 11.21
N ILE D 121 -34.54 -16.95 13.49
CA ILE D 121 -35.55 -16.94 14.60
C ILE D 121 -35.15 -17.99 15.63
N ILE D 122 -35.30 -17.66 16.93
CA ILE D 122 -35.06 -18.57 18.03
C ILE D 122 -36.41 -19.06 18.55
N GLY D 123 -36.52 -20.40 18.68
CA GLY D 123 -37.64 -21.09 19.32
C GLY D 123 -38.92 -21.01 18.47
N GLY D 124 -38.72 -20.96 17.15
CA GLY D 124 -39.83 -20.87 16.23
C GLY D 124 -39.95 -22.17 15.46
N SER D 125 -40.85 -22.20 14.47
CA SER D 125 -41.06 -23.37 13.65
C SER D 125 -40.92 -23.00 12.18
N ASP D 126 -40.89 -24.01 11.30
CA ASP D 126 -40.83 -23.80 9.86
C ASP D 126 -42.07 -23.04 9.42
N ALA D 127 -41.89 -22.22 8.38
CA ALA D 127 -42.97 -21.43 7.83
C ALA D 127 -42.79 -21.37 6.32
N ASP D 128 -43.93 -21.36 5.61
CA ASP D 128 -43.93 -21.19 4.17
C ASP D 128 -44.01 -19.70 3.86
N ILE D 129 -43.39 -19.28 2.74
CA ILE D 129 -43.49 -17.92 2.25
C ILE D 129 -44.97 -17.52 2.10
N LYS D 130 -45.84 -18.52 1.94
CA LYS D 130 -47.28 -18.30 1.82
C LYS D 130 -47.84 -17.71 3.11
N ASN D 131 -47.17 -17.96 4.23
CA ASN D 131 -47.66 -17.61 5.56
C ASN D 131 -47.29 -16.16 5.85
N PHE D 132 -46.24 -15.73 5.16
CA PHE D 132 -45.67 -14.39 5.25
C PHE D 132 -45.35 -13.91 3.83
N PRO D 133 -46.37 -13.49 3.05
CA PRO D 133 -46.17 -13.15 1.64
C PRO D 133 -45.48 -11.80 1.47
N TRP D 134 -45.48 -11.03 2.57
CA TRP D 134 -44.86 -9.72 2.63
C TRP D 134 -43.36 -9.83 2.90
N GLN D 135 -42.89 -11.00 3.34
CA GLN D 135 -41.50 -11.14 3.72
C GLN D 135 -40.58 -10.84 2.55
N VAL D 136 -39.65 -9.88 2.74
CA VAL D 136 -38.62 -9.55 1.77
C VAL D 136 -37.30 -10.11 2.29
N PHE D 137 -36.49 -10.72 1.41
CA PHE D 137 -35.21 -11.23 1.82
C PHE D 137 -34.11 -10.33 1.28
N PHE D 138 -33.22 -9.87 2.16
CA PHE D 138 -32.11 -9.05 1.73
C PHE D 138 -30.82 -9.89 1.80
N ASP D 139 -30.01 -9.79 0.77
CA ASP D 139 -28.86 -10.66 0.57
C ASP D 139 -27.60 -9.99 1.10
N ASN D 140 -27.33 -8.75 0.65
CA ASN D 140 -26.28 -7.93 1.26
C ASN D 140 -26.94 -7.11 2.37
N PRO D 141 -26.30 -6.95 3.55
CA PRO D 141 -26.72 -7.63 4.79
C PRO D 141 -27.76 -8.75 4.69
N TRP D 142 -27.44 -9.91 5.29
CA TRP D 142 -28.40 -11.00 5.44
C TRP D 142 -29.50 -10.56 6.39
N ALA D 143 -30.63 -10.10 5.82
CA ALA D 143 -31.66 -9.46 6.61
C ALA D 143 -33.04 -9.63 5.93
N GLY D 144 -34.09 -9.15 6.61
CA GLY D 144 -35.45 -9.16 6.10
C GLY D 144 -36.02 -7.75 5.92
N GLY D 145 -37.20 -7.70 5.27
CA GLY D 145 -38.02 -6.51 5.09
C GLY D 145 -39.50 -6.87 4.92
N ALA D 146 -40.35 -5.84 4.81
CA ALA D 146 -41.77 -6.03 4.57
C ALA D 146 -42.22 -5.19 3.37
N LEU D 147 -42.87 -5.86 2.40
CA LEU D 147 -43.49 -5.23 1.24
C LEU D 147 -44.81 -4.58 1.68
N ILE D 148 -44.97 -3.28 1.39
CA ILE D 148 -46.08 -2.52 1.98
C ILE D 148 -46.93 -1.85 0.89
N ASN D 149 -46.40 -1.82 -0.34
CA ASN D 149 -47.20 -1.73 -1.55
C ASN D 149 -46.31 -2.13 -2.72
N GLU D 150 -46.80 -1.93 -3.95
CA GLU D 150 -46.19 -2.51 -5.13
C GLU D 150 -44.91 -1.78 -5.53
N TYR D 151 -44.60 -0.66 -4.84
CA TYR D 151 -43.42 0.15 -5.14
C TYR D 151 -42.49 0.29 -3.92
N TRP D 152 -42.93 -0.14 -2.74
CA TRP D 152 -42.27 0.25 -1.50
C TRP D 152 -42.01 -0.94 -0.57
N VAL D 153 -40.74 -1.12 -0.22
CA VAL D 153 -40.33 -2.07 0.81
C VAL D 153 -39.93 -1.28 2.07
N LEU D 154 -40.34 -1.81 3.21
CA LEU D 154 -40.03 -1.19 4.48
C LEU D 154 -39.02 -2.11 5.16
N THR D 155 -38.00 -1.54 5.80
CA THR D 155 -37.02 -2.38 6.48
C THR D 155 -36.44 -1.63 7.68
N ALA D 156 -35.34 -2.15 8.25
CA ALA D 156 -34.65 -1.46 9.34
C ALA D 156 -33.61 -0.52 8.74
N ALA D 157 -33.45 0.66 9.36
CA ALA D 157 -32.43 1.59 8.89
C ALA D 157 -31.06 0.91 8.80
N HIS D 158 -30.77 -0.05 9.69
CA HIS D 158 -29.40 -0.53 9.82
C HIS D 158 -29.09 -1.51 8.69
N VAL D 159 -30.17 -2.08 8.16
CA VAL D 159 -30.13 -3.06 7.12
C VAL D 159 -29.68 -2.45 5.80
N VAL D 160 -29.98 -1.16 5.57
CA VAL D 160 -29.67 -0.47 4.32
C VAL D 160 -28.66 0.65 4.52
N GLU D 161 -28.21 0.89 5.76
CA GLU D 161 -27.34 2.04 6.04
C GLU D 161 -26.11 1.98 5.16
N GLY D 162 -25.51 0.78 5.06
CA GLY D 162 -24.27 0.53 4.34
C GLY D 162 -24.48 -0.12 2.97
N ASN D 163 -25.74 -0.16 2.51
CA ASN D 163 -26.05 -0.66 1.17
C ASN D 163 -27.24 0.10 0.61
N ARG D 164 -26.95 1.07 -0.27
CA ARG D 164 -27.96 1.99 -0.78
C ARG D 164 -28.62 1.46 -2.05
N GLU D 165 -28.17 0.29 -2.52
CA GLU D 165 -28.74 -0.41 -3.67
C GLU D 165 -28.89 -1.87 -3.28
N PRO D 166 -29.75 -2.20 -2.30
CA PRO D 166 -29.81 -3.54 -1.74
C PRO D 166 -30.43 -4.53 -2.72
N THR D 167 -29.91 -5.77 -2.71
CA THR D 167 -30.52 -6.88 -3.42
C THR D 167 -31.66 -7.45 -2.57
N MET D 168 -32.82 -7.64 -3.18
CA MET D 168 -34.02 -8.07 -2.46
C MET D 168 -34.74 -9.14 -3.27
N TYR D 169 -35.10 -10.24 -2.58
CA TYR D 169 -35.85 -11.34 -3.15
C TYR D 169 -37.21 -11.48 -2.44
N VAL D 170 -38.15 -12.10 -3.15
CA VAL D 170 -39.52 -12.28 -2.69
C VAL D 170 -40.09 -13.61 -3.21
N GLY D 171 -41.07 -14.17 -2.49
CA GLY D 171 -41.94 -15.22 -2.99
C GLY D 171 -41.31 -16.61 -2.97
N SER D 172 -40.35 -16.81 -2.07
CA SER D 172 -39.63 -18.07 -1.94
C SER D 172 -39.44 -18.40 -0.46
N THR D 173 -39.63 -19.67 -0.10
CA THR D 173 -39.45 -20.12 1.26
C THR D 173 -37.98 -20.47 1.51
N SER D 174 -37.31 -20.95 0.46
CA SER D 174 -35.89 -21.22 0.55
C SER D 174 -35.11 -20.01 0.09
N VAL D 175 -33.86 -19.90 0.58
CA VAL D 175 -32.96 -18.84 0.18
C VAL D 175 -31.62 -19.45 -0.23
N GLN D 176 -31.64 -20.74 -0.61
CA GLN D 176 -30.45 -21.40 -1.12
C GLN D 176 -30.32 -21.13 -2.62
N LYS D 184 -37.76 -14.54 -7.77
CA LYS D 184 -38.17 -13.15 -8.13
C LYS D 184 -37.37 -12.12 -7.34
N MET D 185 -36.71 -11.19 -8.07
CA MET D 185 -35.80 -10.22 -7.48
C MET D 185 -36.32 -8.80 -7.68
N LEU D 186 -36.23 -7.97 -6.63
CA LEU D 186 -36.65 -6.58 -6.72
C LEU D 186 -35.41 -5.70 -6.93
N THR D 187 -35.55 -4.70 -7.81
CA THR D 187 -34.51 -3.73 -8.09
C THR D 187 -34.90 -2.44 -7.37
N PRO D 188 -33.98 -1.83 -6.59
CA PRO D 188 -34.28 -0.59 -5.86
C PRO D 188 -33.98 0.68 -6.67
N GLU D 189 -34.85 1.67 -6.51
CA GLU D 189 -34.68 2.95 -7.17
C GLU D 189 -33.95 3.91 -6.22
N HIS D 190 -34.56 4.17 -5.06
CA HIS D 190 -33.94 4.97 -4.02
C HIS D 190 -34.20 4.31 -2.68
N VAL D 191 -33.33 4.66 -1.72
CA VAL D 191 -33.43 4.22 -0.34
C VAL D 191 -33.63 5.47 0.50
N PHE D 192 -34.60 5.41 1.43
CA PHE D 192 -34.98 6.54 2.26
C PHE D 192 -34.73 6.18 3.74
N ILE D 193 -33.58 6.62 4.28
CA ILE D 193 -33.36 6.46 5.72
C ILE D 193 -34.11 7.56 6.46
N HIS D 194 -34.67 7.20 7.61
CA HIS D 194 -35.27 8.20 8.47
C HIS D 194 -34.20 9.19 8.94
N PRO D 195 -34.47 10.51 8.86
CA PRO D 195 -33.46 11.54 9.12
C PRO D 195 -33.00 11.61 10.57
N GLY D 196 -33.79 10.96 11.45
CA GLY D 196 -33.43 10.85 12.85
C GLY D 196 -32.44 9.70 13.10
N TRP D 197 -32.18 8.90 12.05
CA TRP D 197 -31.29 7.77 12.24
C TRP D 197 -29.85 8.27 12.32
N LYS D 198 -29.16 7.81 13.36
CA LYS D 198 -27.79 8.24 13.61
C LYS D 198 -26.81 7.48 12.70
N LEU D 199 -26.23 8.21 11.74
CA LEU D 199 -25.18 7.63 10.91
C LEU D 199 -23.90 7.45 11.72
N LEU D 200 -23.26 6.26 11.59
CA LEU D 200 -22.01 5.92 12.26
C LEU D 200 -20.97 5.44 11.26
N ALA D 201 -19.71 5.79 11.53
CA ALA D 201 -18.56 5.36 10.77
C ALA D 201 -18.30 3.87 11.01
N VAL D 202 -18.43 3.42 12.27
CA VAL D 202 -18.19 2.04 12.64
C VAL D 202 -19.55 1.39 12.94
N PRO D 203 -20.14 0.61 12.00
CA PRO D 203 -21.49 0.08 12.22
C PRO D 203 -21.60 -0.78 13.46
N GLU D 204 -20.56 -1.57 13.77
CA GLU D 204 -20.72 -2.52 14.86
C GLU D 204 -20.69 -1.84 16.22
N GLY D 205 -20.35 -0.54 16.27
CA GLY D 205 -20.31 0.17 17.53
C GLY D 205 -21.68 0.70 18.00
N ARG D 206 -22.75 0.41 17.25
CA ARG D 206 -24.00 1.13 17.45
C ARG D 206 -24.65 0.76 18.79
N THR D 207 -24.91 1.79 19.61
CA THR D 207 -25.60 1.59 20.88
C THR D 207 -26.92 2.37 20.89
N ASN D 208 -27.19 3.09 19.80
CA ASN D 208 -28.40 3.89 19.65
C ASN D 208 -29.10 3.54 18.34
N PHE D 209 -30.21 2.80 18.46
CA PHE D 209 -30.92 2.27 17.32
C PHE D 209 -32.22 3.03 17.11
N ASP D 210 -32.29 4.24 17.67
CA ASP D 210 -33.47 5.10 17.58
C ASP D 210 -33.74 5.38 16.11
N ASN D 211 -35.00 5.23 15.71
CA ASN D 211 -35.43 5.63 14.37
C ASN D 211 -34.86 4.66 13.35
N ASP D 212 -34.81 3.38 13.73
CA ASP D 212 -34.36 2.29 12.90
C ASP D 212 -35.43 1.99 11.85
N ILE D 213 -35.61 2.91 10.90
CA ILE D 213 -36.60 2.71 9.86
C ILE D 213 -36.07 3.27 8.53
N ALA D 214 -36.44 2.59 7.43
CA ALA D 214 -36.12 3.04 6.08
C ALA D 214 -37.14 2.50 5.11
N LEU D 215 -37.34 3.22 4.01
CA LEU D 215 -38.13 2.74 2.90
C LEU D 215 -37.23 2.60 1.67
N VAL D 216 -37.49 1.55 0.88
CA VAL D 216 -36.88 1.35 -0.43
C VAL D 216 -37.98 1.47 -1.48
N ARG D 217 -37.88 2.46 -2.39
CA ARG D 217 -38.72 2.44 -3.58
C ARG D 217 -38.15 1.41 -4.58
N LEU D 218 -39.05 0.63 -5.19
CA LEU D 218 -38.66 -0.27 -6.27
C LEU D 218 -38.76 0.45 -7.62
N LYS D 219 -37.96 0.00 -8.60
CA LYS D 219 -37.99 0.51 -9.96
C LYS D 219 -39.27 0.09 -10.71
N ASP D 220 -39.69 -1.17 -10.52
CA ASP D 220 -40.79 -1.75 -11.28
C ASP D 220 -41.85 -2.28 -10.31
N PRO D 221 -43.16 -2.08 -10.60
CA PRO D 221 -44.22 -2.47 -9.66
C PRO D 221 -44.09 -3.97 -9.36
N VAL D 222 -44.48 -4.40 -8.16
CA VAL D 222 -44.39 -5.81 -7.82
C VAL D 222 -45.69 -6.52 -8.18
N LYS D 223 -45.56 -7.69 -8.83
CA LYS D 223 -46.71 -8.52 -9.16
C LYS D 223 -47.04 -9.42 -7.98
N MET D 224 -48.29 -9.27 -7.48
CA MET D 224 -48.81 -9.99 -6.32
C MET D 224 -49.38 -11.35 -6.72
N GLY D 225 -49.68 -12.16 -5.70
CA GLY D 225 -50.16 -13.53 -5.87
C GLY D 225 -50.01 -14.34 -4.59
N PRO D 226 -50.04 -15.68 -4.67
CA PRO D 226 -49.97 -16.54 -3.48
C PRO D 226 -48.72 -16.36 -2.62
N THR D 227 -47.64 -15.86 -3.21
CA THR D 227 -46.34 -15.91 -2.56
C THR D 227 -45.78 -14.53 -2.35
N VAL D 228 -46.51 -13.50 -2.78
CA VAL D 228 -46.01 -12.14 -2.77
C VAL D 228 -47.17 -11.14 -2.64
N SER D 229 -47.37 -10.60 -1.43
CA SER D 229 -48.36 -9.56 -1.24
C SER D 229 -47.96 -8.63 -0.09
N PRO D 230 -48.42 -7.36 -0.08
CA PRO D 230 -48.02 -6.41 0.95
C PRO D 230 -48.68 -6.70 2.29
N ILE D 231 -48.10 -6.15 3.37
CA ILE D 231 -48.66 -6.11 4.72
C ILE D 231 -49.27 -4.73 4.94
N CYS D 232 -50.30 -4.63 5.78
CA CYS D 232 -50.92 -3.33 6.05
C CYS D 232 -50.01 -2.55 7.02
N LEU D 233 -50.27 -1.25 7.12
CA LEU D 233 -49.58 -0.37 8.04
C LEU D 233 -50.53 -0.06 9.20
N PRO D 234 -50.02 0.34 10.38
CA PRO D 234 -50.88 0.85 11.45
C PRO D 234 -51.54 2.15 11.02
N GLY D 235 -52.66 2.50 11.65
CA GLY D 235 -53.17 3.86 11.64
C GLY D 235 -52.52 4.62 12.78
N THR D 236 -53.00 5.83 13.07
CA THR D 236 -52.48 6.60 14.20
C THR D 236 -53.56 6.81 15.26
N SER D 237 -54.69 6.12 15.10
CA SER D 237 -55.71 6.06 16.14
C SER D 237 -55.14 5.31 17.33
N SER D 238 -55.76 5.50 18.50
CA SER D 238 -55.25 4.94 19.74
C SER D 238 -55.43 3.43 19.83
N ASP D 239 -56.35 2.83 19.05
CA ASP D 239 -56.51 1.39 19.13
C ASP D 239 -55.34 0.70 18.44
N TYR D 240 -54.30 1.46 18.11
CA TYR D 240 -53.10 0.91 17.49
C TYR D 240 -51.92 0.91 18.46
N ASN D 241 -52.04 1.68 19.56
CA ASN D 241 -51.17 1.59 20.72
C ASN D 241 -51.17 0.15 21.21
N LEU D 242 -49.99 -0.49 21.15
CA LEU D 242 -49.83 -1.85 21.59
C LEU D 242 -49.96 -1.89 23.11
N MET D 243 -50.47 -3.02 23.64
CA MET D 243 -50.57 -3.25 25.07
C MET D 243 -49.74 -4.48 25.43
N ASP D 244 -49.17 -4.48 26.64
CA ASP D 244 -48.38 -5.61 27.13
C ASP D 244 -49.17 -6.89 26.91
N GLY D 245 -48.54 -7.86 26.21
CA GLY D 245 -49.14 -9.15 26.02
C GLY D 245 -49.75 -9.32 24.62
N ASP D 246 -50.04 -8.20 23.94
CA ASP D 246 -50.53 -8.27 22.57
C ASP D 246 -49.64 -9.20 21.77
N LEU D 247 -50.27 -10.08 21.00
CA LEU D 247 -49.58 -11.11 20.26
C LEU D 247 -49.21 -10.58 18.87
N GLY D 248 -48.07 -11.05 18.35
CA GLY D 248 -47.55 -10.69 17.04
C GLY D 248 -46.70 -11.82 16.45
N LEU D 249 -46.30 -11.65 15.18
CA LEU D 249 -45.56 -12.69 14.48
C LEU D 249 -44.26 -12.12 13.92
N ILE D 250 -43.18 -12.88 14.11
CA ILE D 250 -41.88 -12.55 13.55
C ILE D 250 -41.50 -13.68 12.61
N SER D 251 -40.77 -13.34 11.55
CA SER D 251 -40.43 -14.29 10.50
C SER D 251 -39.12 -13.87 9.87
N GLY D 252 -38.33 -14.84 9.40
CA GLY D 252 -37.10 -14.53 8.67
C GLY D 252 -36.07 -15.65 8.65
N TRP D 253 -34.95 -15.41 7.95
CA TRP D 253 -33.90 -16.39 7.70
C TRP D 253 -32.72 -16.18 8.65
N GLY D 254 -33.01 -15.69 9.86
CA GLY D 254 -31.98 -15.38 10.83
C GLY D 254 -31.58 -16.58 11.67
N ARG D 255 -30.64 -16.35 12.60
CA ARG D 255 -30.03 -17.34 13.48
C ARG D 255 -31.12 -18.12 14.19
N THR D 256 -30.95 -19.46 14.21
CA THR D 256 -31.72 -20.37 15.02
C THR D 256 -30.80 -21.00 16.07
N GLU D 257 -31.36 -21.91 16.85
CA GLU D 257 -30.63 -22.67 17.85
C GLU D 257 -29.56 -23.54 17.18
N LYS D 258 -29.74 -23.79 15.88
CA LYS D 258 -28.74 -24.45 15.07
C LYS D 258 -28.05 -23.40 14.20
N ASP D 260 -26.73 -20.73 12.11
CA ASP D 260 -26.37 -19.29 12.09
C ASP D 260 -27.18 -18.53 11.04
N ARG D 261 -27.46 -19.19 9.91
CA ARG D 261 -28.47 -18.76 8.96
C ARG D 261 -29.42 -19.94 8.72
N ALA D 262 -30.73 -19.70 8.82
CA ALA D 262 -31.70 -20.64 8.30
C ALA D 262 -31.62 -20.63 6.78
N VAL D 263 -31.98 -21.77 6.16
CA VAL D 263 -32.06 -21.85 4.71
C VAL D 263 -33.53 -21.75 4.31
N ARG D 264 -34.43 -22.25 5.19
CA ARG D 264 -35.87 -22.14 4.99
C ARG D 264 -36.41 -21.06 5.94
N LEU D 265 -37.56 -20.47 5.57
CA LEU D 265 -38.20 -19.45 6.40
C LEU D 265 -38.66 -20.11 7.69
N LYS D 266 -38.64 -19.30 8.76
CA LYS D 266 -39.01 -19.69 10.11
C LYS D 266 -39.91 -18.59 10.66
N ALA D 267 -40.70 -18.90 11.68
CA ALA D 267 -41.58 -17.88 12.27
C ALA D 267 -41.90 -18.23 13.72
N ALA D 268 -42.42 -17.23 14.47
CA ALA D 268 -42.71 -17.41 15.88
C ALA D 268 -43.82 -16.46 16.33
N ARG D 269 -44.62 -16.94 17.30
CA ARG D 269 -45.61 -16.09 17.96
C ARG D 269 -44.99 -15.54 19.24
N LEU D 270 -45.31 -14.28 19.55
CA LEU D 270 -44.54 -13.45 20.47
C LEU D 270 -45.44 -12.43 21.13
N PRO D 271 -45.34 -12.25 22.47
CA PRO D 271 -46.08 -11.18 23.13
C PRO D 271 -45.25 -9.89 23.19
N VAL D 272 -45.95 -8.77 23.24
CA VAL D 272 -45.37 -7.50 23.64
C VAL D 272 -45.06 -7.58 25.14
N ALA D 273 -43.97 -6.94 25.54
CA ALA D 273 -43.63 -6.83 26.95
C ALA D 273 -43.42 -5.35 27.32
N PRO D 274 -43.39 -4.99 28.63
CA PRO D 274 -42.96 -3.66 29.04
C PRO D 274 -41.46 -3.53 28.80
N LEU D 275 -41.03 -2.29 28.58
CA LEU D 275 -39.68 -1.96 28.13
C LEU D 275 -38.68 -2.43 29.18
N ARG D 276 -39.08 -2.40 30.46
CA ARG D 276 -38.21 -2.77 31.57
C ARG D 276 -37.61 -4.16 31.36
N LYS D 277 -38.42 -5.11 30.87
CA LYS D 277 -37.93 -6.45 30.56
C LYS D 277 -36.69 -6.40 29.66
N CYS D 278 -36.71 -5.53 28.63
CA CYS D 278 -35.61 -5.43 27.69
C CYS D 278 -34.36 -4.84 28.38
N LYS D 279 -34.56 -3.84 29.23
CA LYS D 279 -33.48 -3.19 29.93
C LYS D 279 -32.77 -4.15 30.90
N GLU D 280 -33.50 -5.16 31.39
CA GLU D 280 -33.04 -6.01 32.47
C GLU D 280 -32.02 -7.05 31.97
N VAL D 281 -32.06 -7.42 30.68
CA VAL D 281 -31.20 -8.45 30.13
C VAL D 281 -29.76 -7.96 30.16
N LYS D 282 -28.89 -8.66 30.92
CA LYS D 282 -27.46 -8.35 30.93
C LYS D 282 -26.93 -8.37 29.50
N VAL D 283 -26.22 -7.30 29.11
CA VAL D 283 -25.86 -7.13 27.71
C VAL D 283 -24.37 -6.81 27.59
N GLU D 284 -23.72 -7.41 26.60
CA GLU D 284 -22.31 -7.11 26.35
C GLU D 284 -22.22 -5.85 25.49
N LYS D 285 -21.27 -4.96 25.83
CA LYS D 285 -21.09 -3.75 25.03
C LYS D 285 -20.41 -4.09 23.70
N PRO D 286 -20.92 -3.55 22.57
CA PRO D 286 -20.57 -4.07 21.25
C PRO D 286 -19.12 -3.78 20.91
N THR D 287 -18.51 -2.86 21.66
CA THR D 287 -17.18 -2.35 21.38
C THR D 287 -16.61 -1.83 22.69
N ALA D 288 -15.30 -1.98 22.88
CA ALA D 288 -14.62 -1.75 24.14
C ALA D 288 -14.92 -0.37 24.73
N ASP D 289 -15.38 0.57 23.88
CA ASP D 289 -15.49 1.99 24.17
C ASP D 289 -16.93 2.45 23.96
N ALA D 290 -17.82 1.50 23.66
CA ALA D 290 -19.26 1.75 23.66
C ALA D 290 -19.67 2.53 24.91
N GLU D 291 -20.75 3.30 24.75
CA GLU D 291 -21.56 3.81 25.85
C GLU D 291 -22.75 2.85 25.98
N ALA D 292 -23.70 3.13 26.88
CA ALA D 292 -24.76 2.19 27.19
C ALA D 292 -25.80 2.20 26.07
N TYR D 293 -26.57 1.11 25.94
CA TYR D 293 -27.61 1.07 24.93
C TYR D 293 -28.69 2.14 25.23
N VAL D 294 -29.24 2.77 24.18
CA VAL D 294 -30.30 3.78 24.27
C VAL D 294 -31.65 3.10 24.08
N PHE D 295 -32.62 3.43 24.94
CA PHE D 295 -33.95 2.82 24.90
C PHE D 295 -34.96 3.94 24.77
N THR D 296 -35.76 3.92 23.70
CA THR D 296 -36.62 5.07 23.44
C THR D 296 -38.07 4.60 23.30
N PRO D 297 -39.06 5.54 23.32
CA PRO D 297 -40.45 5.19 23.09
C PRO D 297 -40.71 4.92 21.62
N ASN D 298 -39.63 4.77 20.84
CA ASN D 298 -39.77 4.39 19.44
C ASN D 298 -39.44 2.90 19.25
N MET D 299 -39.17 2.19 20.35
CA MET D 299 -38.90 0.75 20.29
C MET D 299 -39.91 -0.01 21.16
N ILE D 300 -40.55 -1.03 20.57
CA ILE D 300 -41.41 -2.00 21.24
C ILE D 300 -40.53 -3.12 21.75
N CYS D 301 -40.76 -3.52 23.01
CA CYS D 301 -40.15 -4.71 23.58
C CYS D 301 -41.10 -5.89 23.35
N ALA D 302 -40.54 -7.06 22.99
CA ALA D 302 -41.36 -8.24 22.71
C ALA D 302 -40.56 -9.51 23.00
N GLY D 303 -41.20 -10.48 23.65
CA GLY D 303 -40.56 -11.75 23.95
C GLY D 303 -41.00 -12.36 25.29
N GLY D 304 -40.23 -13.35 25.75
CA GLY D 304 -40.40 -13.85 27.10
C GLY D 304 -40.65 -15.36 27.17
N GLU D 305 -41.88 -15.76 26.81
CA GLU D 305 -42.36 -17.13 26.96
C GLU D 305 -41.57 -18.06 26.03
N LYS D 306 -41.15 -19.20 26.60
CA LYS D 306 -40.51 -20.31 25.92
C LYS D 306 -39.30 -19.87 25.08
N GLY D 307 -38.72 -18.71 25.45
CA GLY D 307 -37.49 -18.21 24.85
C GLY D 307 -37.55 -18.11 23.32
N MET D 308 -38.57 -17.40 22.82
CA MET D 308 -38.78 -17.21 21.39
C MET D 308 -38.48 -15.77 21.02
N ASP D 309 -37.56 -15.58 20.06
CA ASP D 309 -36.95 -14.29 19.77
C ASP D 309 -36.56 -14.22 18.28
N SER D 310 -36.32 -13.00 17.78
CA SER D 310 -35.57 -12.81 16.54
C SER D 310 -34.10 -12.65 16.88
N CYS D 311 -33.25 -12.50 15.87
CA CYS D 311 -31.80 -12.50 16.08
C CYS D 311 -31.10 -11.98 14.84
N LYS D 312 -29.77 -11.85 14.90
CA LYS D 312 -28.94 -11.44 13.79
C LYS D 312 -29.40 -12.17 12.53
N GLY D 313 -29.62 -11.41 11.45
CA GLY D 313 -30.10 -11.95 10.18
C GLY D 313 -31.61 -11.79 10.02
N ASP D 314 -32.34 -11.54 11.10
CA ASP D 314 -33.79 -11.43 11.01
C ASP D 314 -34.21 -9.97 10.98
N SER D 315 -33.23 -9.07 10.98
CA SER D 315 -33.53 -7.65 11.13
C SER D 315 -34.26 -7.17 9.89
N GLY D 316 -35.15 -6.19 10.06
CA GLY D 316 -35.83 -5.62 8.92
C GLY D 316 -37.23 -6.21 8.73
N GLY D 317 -37.47 -7.38 9.33
CA GLY D 317 -38.73 -8.08 9.20
C GLY D 317 -39.86 -7.35 9.94
N ALA D 318 -41.11 -7.68 9.56
CA ALA D 318 -42.28 -7.10 10.21
C ALA D 318 -42.64 -7.90 11.46
N PHE D 319 -42.89 -7.17 12.55
CA PHE D 319 -43.60 -7.74 13.69
C PHE D 319 -45.08 -7.56 13.34
N ALA D 320 -45.69 -8.66 12.88
CA ALA D 320 -47.01 -8.65 12.26
C ALA D 320 -48.08 -8.92 13.31
N VAL D 321 -49.08 -8.05 13.32
CA VAL D 321 -50.06 -8.01 14.39
C VAL D 321 -51.44 -7.92 13.75
N GLN D 322 -52.39 -8.70 14.29
CA GLN D 322 -53.77 -8.66 13.83
C GLN D 322 -54.26 -7.23 13.93
N ASP D 323 -54.85 -6.74 12.84
CA ASP D 323 -55.47 -5.42 12.86
C ASP D 323 -56.58 -5.44 13.90
N PRO D 324 -56.65 -4.42 14.80
CA PRO D 324 -57.71 -4.37 15.82
C PRO D 324 -59.11 -4.38 15.22
N ASN D 325 -59.27 -3.77 14.04
CA ASN D 325 -60.58 -3.53 13.45
C ASN D 325 -60.87 -4.50 12.31
N ASP D 326 -59.92 -5.39 11.98
CA ASP D 326 -60.11 -6.40 10.95
C ASP D 326 -59.24 -7.60 11.26
N LYS D 327 -59.89 -8.72 11.62
CA LYS D 327 -59.21 -9.84 12.26
C LYS D 327 -58.63 -10.79 11.20
N THR D 328 -58.86 -10.48 9.91
CA THR D 328 -58.36 -11.31 8.82
C THR D 328 -57.12 -10.68 8.20
N LYS D 329 -56.72 -9.49 8.70
CA LYS D 329 -55.60 -8.72 8.18
C LYS D 329 -54.52 -8.60 9.25
N PHE D 330 -53.27 -8.59 8.78
CA PHE D 330 -52.13 -8.33 9.64
C PHE D 330 -51.46 -7.01 9.25
N TYR D 331 -50.97 -6.25 10.24
CA TYR D 331 -50.26 -5.01 9.98
C TYR D 331 -48.85 -5.07 10.56
N ALA D 332 -47.93 -4.33 9.94
CA ALA D 332 -46.57 -4.26 10.47
C ALA D 332 -46.57 -3.33 11.69
N ALA D 333 -46.70 -3.94 12.88
CA ALA D 333 -46.63 -3.20 14.13
C ALA D 333 -45.20 -2.75 14.39
N GLY D 334 -44.25 -3.65 14.10
CA GLY D 334 -42.86 -3.43 14.49
C GLY D 334 -41.86 -3.91 13.45
N LEU D 335 -40.61 -3.52 13.65
CA LEU D 335 -39.56 -3.91 12.72
C LEU D 335 -38.39 -4.40 13.57
N VAL D 336 -37.80 -5.52 13.16
CA VAL D 336 -36.78 -6.13 13.98
C VAL D 336 -35.55 -5.24 13.96
N SER D 337 -35.27 -4.61 15.12
CA SER D 337 -34.17 -3.66 15.26
C SER D 337 -32.89 -4.27 15.83
N TRP D 338 -32.89 -4.57 17.12
CA TRP D 338 -31.69 -4.99 17.80
C TRP D 338 -32.14 -5.78 19.01
N GLY D 339 -31.21 -6.36 19.78
CA GLY D 339 -31.62 -7.05 20.98
C GLY D 339 -30.45 -7.39 21.91
N PRO D 340 -30.69 -7.46 23.25
CA PRO D 340 -29.63 -7.66 24.24
C PRO D 340 -29.00 -9.06 24.31
N GLN D 341 -29.73 -10.09 23.84
CA GLN D 341 -29.17 -11.44 23.76
C GLN D 341 -30.16 -12.39 23.09
N CYS D 342 -29.71 -13.06 22.03
CA CYS D 342 -30.61 -13.87 21.22
C CYS D 342 -31.32 -14.86 22.13
N GLY D 343 -32.66 -14.79 22.15
CA GLY D 343 -33.49 -15.75 22.86
C GLY D 343 -34.15 -15.13 24.10
N THR D 344 -33.90 -13.84 24.35
CA THR D 344 -34.47 -13.20 25.53
C THR D 344 -35.64 -12.31 25.11
N TYR D 345 -35.38 -10.99 25.03
CA TYR D 345 -36.35 -10.08 24.45
C TYR D 345 -35.75 -9.37 23.23
N GLY D 346 -36.63 -8.72 22.46
CA GLY D 346 -36.20 -7.98 21.29
C GLY D 346 -36.70 -6.53 21.34
N LEU D 347 -36.04 -5.66 20.55
CA LEU D 347 -36.47 -4.29 20.31
C LEU D 347 -36.88 -4.13 18.84
N TYR D 348 -38.10 -3.61 18.68
CA TYR D 348 -38.69 -3.49 17.36
C TYR D 348 -39.07 -2.03 17.20
N THR D 349 -38.78 -1.47 16.02
CA THR D 349 -39.20 -0.11 15.72
C THR D 349 -40.72 -0.06 15.83
N ARG D 350 -41.21 0.98 16.52
CA ARG D 350 -42.64 1.20 16.73
C ARG D 350 -43.24 1.91 15.51
N VAL D 351 -43.61 1.11 14.50
CA VAL D 351 -43.95 1.58 13.16
C VAL D 351 -44.98 2.71 13.23
N LYS D 352 -45.84 2.67 14.26
CA LYS D 352 -46.92 3.62 14.43
C LYS D 352 -46.41 5.06 14.50
N ASN D 353 -45.23 5.27 15.10
CA ASN D 353 -44.68 6.61 15.22
C ASN D 353 -44.19 7.15 13.87
N TYR D 354 -44.21 6.29 12.83
CA TYR D 354 -43.50 6.60 11.59
C TYR D 354 -44.48 6.62 10.41
N VAL D 355 -45.76 6.39 10.73
CA VAL D 355 -46.76 6.30 9.69
C VAL D 355 -46.87 7.60 8.91
N ASP D 356 -46.98 8.74 9.59
CA ASP D 356 -46.96 10.01 8.88
C ASP D 356 -45.80 10.05 7.86
N TRP D 357 -44.57 9.86 8.36
CA TRP D 357 -43.35 9.86 7.55
C TRP D 357 -43.43 8.88 6.38
N ILE D 358 -43.88 7.64 6.64
CA ILE D 358 -44.02 6.65 5.59
C ILE D 358 -44.88 7.25 4.48
N MET D 359 -46.12 7.63 4.83
CA MET D 359 -47.09 8.14 3.87
C MET D 359 -46.51 9.35 3.14
N LYS D 360 -45.89 10.27 3.90
CA LYS D 360 -45.31 11.44 3.26
C LYS D 360 -44.24 11.02 2.25
N THR D 361 -43.40 10.05 2.61
CA THR D 361 -42.30 9.61 1.74
C THR D 361 -42.85 8.98 0.46
N MET D 362 -43.93 8.21 0.59
CA MET D 362 -44.56 7.63 -0.57
C MET D 362 -45.20 8.71 -1.45
N GLN D 363 -46.03 9.59 -0.85
CA GLN D 363 -46.74 10.63 -1.59
C GLN D 363 -45.77 11.50 -2.39
N GLU D 364 -44.59 11.71 -1.83
CA GLU D 364 -43.67 12.70 -2.37
C GLU D 364 -42.70 12.04 -3.35
N ASN D 365 -42.80 10.73 -3.55
CA ASN D 365 -41.88 10.05 -4.44
C ASN D 365 -42.66 9.06 -5.31
N SER D 366 -43.31 9.55 -6.37
CA SER D 366 -44.08 8.70 -7.27
C SER D 366 -43.81 9.05 -8.74
N THR D 367 -42.68 8.54 -9.28
CA THR D 367 -42.16 8.84 -10.61
C THR D 367 -41.54 10.26 -10.62
#